data_3S6O
#
_entry.id   3S6O
#
_cell.length_a   51.410
_cell.length_b   165.660
_cell.length_c   165.840
_cell.angle_alpha   90.000
_cell.angle_beta   90.000
_cell.angle_gamma   90.000
#
_symmetry.space_group_name_H-M   'P 2 21 21'
#
loop_
_entity.id
_entity.type
_entity.pdbx_description
1 polymer 'Polysaccharide deacetylase family protein'
2 non-polymer 1,2-ETHANEDIOL
3 water water
#
_entity_poly.entity_id   1
_entity_poly.type   'polypeptide(L)'
_entity_poly.pdbx_seq_one_letter_code
;GPGSMAFDPNYPRDLIGYGRHPVQANWPGRARVAVQFVLNYEEGGENCVLHGDPASEQFLSEIVGAAAYPARHMSMESIY
EYGSRAGVWRILREFDKRGLPLTVFGVGMAIERHPELARAFVELGHEIACHGWRWIHYQDMTPEREAEHMRLGMEAIERV
TGVRPLGWYTGRDSPNTHRLVAEYGGFLYDSDHYGDDLPFWMDVEVSGGASVPQLIVPYTLDANDMRFATPQGFNTADHF
FHYLRDAFDVLYEEGDEAPKMMSIGMHCRLLGRPGRFRALQRFLDHIERHDRVWVARRVEIARHWREHHPYRPHARREGD
A
;
_entity_poly.pdbx_strand_id   A,B,C,D
#
# COMPACT_ATOMS: atom_id res chain seq x y z
N PHE A 7 -30.29 12.97 24.32
CA PHE A 7 -30.30 12.43 22.93
C PHE A 7 -30.03 10.94 22.97
N ASP A 8 -30.95 10.21 22.37
CA ASP A 8 -30.83 8.76 22.24
C ASP A 8 -30.38 8.08 23.54
N PRO A 9 -31.19 8.24 24.61
CA PRO A 9 -30.87 7.67 25.93
C PRO A 9 -30.52 6.18 25.90
N ASN A 10 -31.25 5.41 25.09
CA ASN A 10 -31.05 3.96 25.00
C ASN A 10 -29.91 3.45 24.09
N TYR A 11 -29.23 4.36 23.40
CA TYR A 11 -28.10 4.01 22.53
C TYR A 11 -27.10 3.07 23.19
N PRO A 12 -26.87 1.87 22.62
CA PRO A 12 -26.00 0.83 23.24
C PRO A 12 -24.50 0.86 22.84
N ARG A 13 -23.93 2.05 22.76
CA ARG A 13 -22.50 2.20 22.63
C ARG A 13 -22.09 3.25 23.65
N ASP A 14 -20.97 3.00 24.32
CA ASP A 14 -20.36 4.03 25.14
C ASP A 14 -19.25 4.80 24.36
N LEU A 15 -19.62 5.98 23.86
CA LEU A 15 -18.71 6.87 23.15
C LEU A 15 -17.81 7.66 24.10
N ILE A 16 -18.23 7.76 25.35
CA ILE A 16 -17.61 8.67 26.29
C ILE A 16 -16.48 7.99 27.11
N GLY A 17 -16.75 6.82 27.67
CA GLY A 17 -15.67 6.05 28.32
C GLY A 17 -15.31 6.73 29.63
N TYR A 18 -13.99 6.93 29.85
CA TYR A 18 -13.47 7.69 31.00
C TYR A 18 -13.59 9.21 30.86
N GLY A 19 -13.81 9.69 29.64
CA GLY A 19 -13.84 11.13 29.42
C GLY A 19 -12.44 11.70 29.55
N ARG A 20 -12.33 13.00 29.85
CA ARG A 20 -11.04 13.67 29.73
C ARG A 20 -10.00 13.21 30.75
N HIS A 21 -10.44 12.68 31.90
CA HIS A 21 -9.52 12.29 32.97
C HIS A 21 -9.75 10.84 33.35
N PRO A 22 -8.93 9.91 32.78
CA PRO A 22 -9.08 8.51 33.16
C PRO A 22 -8.67 8.26 34.59
N VAL A 23 -9.16 7.15 35.13
CA VAL A 23 -8.75 6.71 36.44
C VAL A 23 -7.26 6.44 36.47
N GLN A 24 -6.67 6.54 37.64
CA GLN A 24 -5.29 6.14 37.84
C GLN A 24 -5.15 4.64 37.86
N ALA A 25 -4.35 4.13 36.92
CA ALA A 25 -4.08 2.69 36.78
C ALA A 25 -3.44 2.08 38.05
N ASN A 26 -2.47 2.81 38.61
CA ASN A 26 -1.76 2.40 39.80
C ASN A 26 -1.12 1.04 39.54
N TRP A 27 -0.39 0.94 38.43
CA TRP A 27 0.23 -0.33 38.02
C TRP A 27 1.24 -0.76 39.08
N PRO A 28 1.52 -2.06 39.19
CA PRO A 28 2.58 -2.48 40.11
C PRO A 28 3.90 -1.80 39.73
N GLY A 29 4.67 -1.47 40.76
CA GLY A 29 6.01 -0.93 40.61
C GLY A 29 5.95 0.50 40.08
N ARG A 30 4.79 1.12 40.27
CA ARG A 30 4.53 2.48 39.80
C ARG A 30 4.84 2.62 38.32
N ALA A 31 4.52 1.58 37.57
CA ALA A 31 4.78 1.54 36.13
C ALA A 31 4.14 2.71 35.41
N ARG A 32 4.89 3.32 34.50
CA ARG A 32 4.36 4.38 33.64
C ARG A 32 3.47 3.78 32.52
N VAL A 33 3.73 2.54 32.16
CA VAL A 33 2.93 1.88 31.12
C VAL A 33 2.94 0.38 31.35
N ALA A 34 1.84 -0.28 31.04
CA ALA A 34 1.80 -1.72 31.04
C ALA A 34 1.89 -2.23 29.62
N VAL A 35 2.85 -3.13 29.33
CA VAL A 35 3.08 -3.62 27.97
C VAL A 35 2.64 -5.05 27.93
N GLN A 36 1.76 -5.38 26.98
CA GLN A 36 1.13 -6.73 26.93
C GLN A 36 1.32 -7.31 25.52
N PHE A 37 2.27 -8.24 25.39
CA PHE A 37 2.50 -8.88 24.09
C PHE A 37 1.54 -10.06 23.87
N VAL A 38 0.89 -10.10 22.70
CA VAL A 38 -0.02 -11.15 22.37
C VAL A 38 0.59 -12.00 21.27
N LEU A 39 0.65 -13.31 21.49
CA LEU A 39 1.04 -14.25 20.45
C LEU A 39 -0.19 -14.97 20.01
N ASN A 40 -0.72 -14.56 18.88
CA ASN A 40 -1.81 -15.32 18.26
C ASN A 40 -1.29 -16.68 17.79
N TYR A 41 -2.03 -17.75 18.08
CA TYR A 41 -1.70 -19.07 17.52
C TYR A 41 -2.94 -19.63 16.85
N GLU A 42 -2.99 -19.45 15.52
CA GLU A 42 -4.15 -19.73 14.65
C GLU A 42 -3.82 -20.83 13.66
N GLU A 43 -2.52 -21.04 13.41
CA GLU A 43 -2.09 -21.98 12.41
C GLU A 43 -2.54 -23.42 12.67
N GLY A 44 -3.32 -23.98 11.76
CA GLY A 44 -3.97 -25.26 11.98
C GLY A 44 -5.46 -25.15 12.21
N GLY A 45 -5.88 -23.92 12.50
CA GLY A 45 -7.27 -23.64 12.69
C GLY A 45 -7.96 -22.81 11.66
N GLU A 46 -7.24 -22.40 10.62
CA GLU A 46 -7.71 -21.44 9.59
C GLU A 46 -8.65 -22.09 8.59
N ASN A 47 -9.20 -21.33 7.65
CA ASN A 47 -10.06 -21.92 6.61
C ASN A 47 -9.26 -22.90 5.80
N CYS A 48 -9.82 -24.08 5.72
CA CYS A 48 -9.23 -25.12 4.90
C CYS A 48 -10.29 -26.19 4.64
N VAL A 49 -10.34 -26.66 3.41
CA VAL A 49 -11.33 -27.72 3.09
C VAL A 49 -11.11 -28.99 3.93
N LEU A 50 -9.87 -29.19 4.38
CA LEU A 50 -9.57 -30.28 5.32
C LEU A 50 -10.35 -30.18 6.60
N HIS A 51 -10.76 -28.97 6.97
CA HIS A 51 -11.42 -28.74 8.25
C HIS A 51 -12.95 -28.77 8.10
N GLY A 52 -13.41 -28.92 6.88
CA GLY A 52 -14.83 -28.91 6.60
C GLY A 52 -15.34 -27.55 6.19
N ASP A 53 -14.41 -26.58 6.02
CA ASP A 53 -14.77 -25.27 5.50
C ASP A 53 -15.03 -25.34 3.99
N PRO A 54 -15.84 -24.42 3.45
CA PRO A 54 -16.14 -24.31 2.01
C PRO A 54 -14.90 -24.07 1.14
N ALA A 55 -13.93 -23.32 1.68
CA ALA A 55 -12.81 -22.79 0.89
C ALA A 55 -11.56 -22.44 1.68
N SER A 56 -10.53 -22.08 0.93
CA SER A 56 -9.20 -21.91 1.46
C SER A 56 -9.09 -20.55 2.06
N GLU A 57 -8.04 -20.39 2.88
CA GLU A 57 -7.91 -19.18 3.63
C GLU A 57 -7.50 -18.00 2.74
N GLN A 58 -8.01 -16.81 3.04
CA GLN A 58 -7.65 -15.57 2.31
C GLN A 58 -6.90 -14.52 3.14
N PHE A 59 -7.06 -14.58 4.46
CA PHE A 59 -6.68 -13.46 5.34
C PHE A 59 -5.32 -13.69 5.98
N LEU A 60 -4.51 -12.64 6.05
CA LEU A 60 -3.26 -12.64 6.86
C LEU A 60 -2.24 -13.66 6.37
N SER A 61 -1.87 -13.53 5.09
CA SER A 61 -0.83 -14.40 4.49
C SER A 61 0.16 -13.53 3.76
N GLU A 62 1.08 -14.17 3.06
CA GLU A 62 2.02 -13.47 2.21
C GLU A 62 1.41 -13.06 0.86
N ILE A 63 0.26 -13.67 0.53
CA ILE A 63 -0.47 -13.41 -0.72
C ILE A 63 -1.59 -12.40 -0.39
N VAL A 64 -1.27 -11.11 -0.32
CA VAL A 64 -2.34 -10.14 0.01
C VAL A 64 -3.36 -10.05 -1.15
N GLY A 65 -4.66 -10.11 -0.82
CA GLY A 65 -5.71 -10.10 -1.83
C GLY A 65 -6.00 -11.49 -2.38
N ALA A 66 -5.52 -12.53 -1.67
CA ALA A 66 -5.69 -13.92 -2.13
C ALA A 66 -7.16 -14.28 -2.40
N ALA A 67 -7.37 -15.09 -3.43
CA ALA A 67 -8.73 -15.63 -3.74
C ALA A 67 -9.05 -16.79 -2.82
N ALA A 68 -10.32 -17.09 -2.61
CA ALA A 68 -10.66 -18.35 -1.95
C ALA A 68 -10.94 -19.40 -3.01
N TYR A 69 -10.37 -20.57 -2.86
CA TYR A 69 -10.74 -21.76 -3.68
C TYR A 69 -11.50 -22.83 -2.89
N PRO A 70 -12.50 -23.48 -3.50
CA PRO A 70 -13.21 -24.65 -2.94
C PRO A 70 -12.36 -25.92 -3.11
N ALA A 71 -11.14 -25.83 -2.56
CA ALA A 71 -10.12 -26.82 -2.80
C ALA A 71 -8.99 -26.46 -1.86
N ARG A 72 -7.95 -27.27 -1.80
CA ARG A 72 -6.77 -26.88 -1.05
C ARG A 72 -5.94 -25.92 -1.86
N HIS A 73 -5.58 -24.79 -1.25
CA HIS A 73 -4.64 -23.85 -1.79
C HIS A 73 -3.25 -24.06 -1.19
N MET A 74 -2.36 -24.71 -1.92
CA MET A 74 -1.09 -25.18 -1.31
C MET A 74 -0.20 -24.03 -0.76
N SER A 75 -0.05 -22.98 -1.51
CA SER A 75 0.81 -21.83 -1.14
C SER A 75 0.33 -21.30 0.21
N MET A 76 -0.99 -21.19 0.33
CA MET A 76 -1.63 -20.68 1.56
C MET A 76 -1.35 -21.65 2.69
N GLU A 77 -1.43 -22.95 2.39
CA GLU A 77 -1.21 -23.92 3.46
C GLU A 77 0.24 -23.87 3.98
N SER A 78 1.25 -23.72 3.12
CA SER A 78 2.63 -23.76 3.58
C SER A 78 3.05 -22.42 4.20
N ILE A 79 2.41 -21.36 3.73
CA ILE A 79 2.51 -20.08 4.43
C ILE A 79 2.05 -20.16 5.91
N TYR A 80 0.88 -20.74 6.16
CA TYR A 80 0.40 -21.01 7.54
C TYR A 80 1.33 -21.99 8.30
N GLU A 81 1.77 -23.02 7.58
CA GLU A 81 2.66 -24.02 8.19
C GLU A 81 3.96 -23.43 8.66
N TYR A 82 4.41 -22.38 7.95
CA TYR A 82 5.60 -21.68 8.39
C TYR A 82 5.46 -21.23 9.84
N GLY A 83 4.31 -20.68 10.18
CA GLY A 83 4.07 -20.21 11.57
C GLY A 83 4.23 -21.31 12.62
N SER A 84 3.66 -22.47 12.37
CA SER A 84 3.68 -23.52 13.37
C SER A 84 5.01 -24.31 13.39
N ARG A 85 5.67 -24.36 12.23
CA ARG A 85 6.89 -25.12 12.04
C ARG A 85 8.13 -24.36 12.54
N ALA A 86 8.15 -23.05 12.32
CA ALA A 86 9.38 -22.26 12.41
C ALA A 86 9.17 -20.93 13.12
N GLY A 87 8.23 -20.12 12.64
CA GLY A 87 8.06 -18.76 13.18
C GLY A 87 7.81 -18.72 14.69
N VAL A 88 6.95 -19.63 15.18
CA VAL A 88 6.57 -19.68 16.62
C VAL A 88 7.76 -19.84 17.55
N TRP A 89 8.65 -20.75 17.16
CA TRP A 89 9.83 -21.00 17.93
C TRP A 89 10.79 -19.83 17.95
N ARG A 90 10.92 -19.12 16.81
CA ARG A 90 11.74 -17.92 16.79
C ARG A 90 11.24 -16.89 17.76
N ILE A 91 9.93 -16.73 17.83
CA ILE A 91 9.37 -15.77 18.79
C ILE A 91 9.59 -16.23 20.22
N LEU A 92 9.24 -17.48 20.50
CA LEU A 92 9.37 -18.02 21.87
C LEU A 92 10.82 -17.96 22.36
N ARG A 93 11.77 -18.21 21.45
CA ARG A 93 13.18 -18.10 21.85
C ARG A 93 13.58 -16.72 22.35
N GLU A 94 13.04 -15.69 21.71
CA GLU A 94 13.38 -14.31 22.03
C GLU A 94 12.80 -13.94 23.37
N PHE A 95 11.53 -14.28 23.60
CA PHE A 95 10.95 -14.02 24.92
C PHE A 95 11.69 -14.75 26.00
N ASP A 96 12.03 -16.01 25.74
CA ASP A 96 12.69 -16.83 26.74
C ASP A 96 14.07 -16.24 27.10
N LYS A 97 14.83 -15.89 26.09
CA LYS A 97 16.15 -15.31 26.29
C LYS A 97 16.10 -14.07 27.17
N ARG A 98 15.02 -13.31 27.03
CA ARG A 98 14.83 -12.08 27.78
C ARG A 98 14.06 -12.24 29.09
N GLY A 99 13.59 -13.45 29.37
CA GLY A 99 12.85 -13.71 30.61
C GLY A 99 11.53 -12.95 30.72
N LEU A 100 10.87 -12.77 29.57
CA LEU A 100 9.62 -11.98 29.45
C LEU A 100 8.45 -12.88 29.18
N PRO A 101 7.30 -12.57 29.77
CA PRO A 101 6.08 -13.29 29.52
C PRO A 101 5.23 -12.69 28.36
N LEU A 102 4.35 -13.51 27.82
CA LEU A 102 3.37 -13.06 26.85
C LEU A 102 2.07 -13.85 27.06
N THR A 103 1.00 -13.50 26.33
CA THR A 103 -0.26 -14.19 26.39
C THR A 103 -0.52 -14.75 25.00
N VAL A 104 -0.88 -16.03 24.93
CA VAL A 104 -1.17 -16.66 23.67
C VAL A 104 -2.67 -16.53 23.46
N PHE A 105 -3.05 -16.11 22.28
CA PHE A 105 -4.44 -16.14 21.90
C PHE A 105 -4.53 -17.43 21.09
N GLY A 106 -4.95 -18.51 21.72
CA GLY A 106 -4.86 -19.85 21.13
C GLY A 106 -6.14 -20.29 20.52
N VAL A 107 -6.10 -20.57 19.21
CA VAL A 107 -7.22 -21.14 18.54
C VAL A 107 -7.28 -22.63 18.92
N GLY A 108 -8.45 -23.07 19.40
CA GLY A 108 -8.59 -24.43 19.87
C GLY A 108 -8.15 -25.48 18.89
N MET A 109 -8.61 -25.40 17.66
CA MET A 109 -8.23 -26.44 16.72
C MET A 109 -6.71 -26.45 16.53
N ALA A 110 -6.12 -25.27 16.39
CA ALA A 110 -4.68 -25.18 16.17
C ALA A 110 -3.92 -25.76 17.34
N ILE A 111 -4.34 -25.44 18.56
CA ILE A 111 -3.78 -26.00 19.78
C ILE A 111 -3.83 -27.52 19.74
N GLU A 112 -4.96 -28.09 19.38
CA GLU A 112 -5.08 -29.56 19.24
C GLU A 112 -4.17 -30.21 18.19
N ARG A 113 -3.79 -29.44 17.16
CA ARG A 113 -3.02 -30.03 16.06
C ARG A 113 -1.53 -30.04 16.43
N HIS A 114 -1.13 -29.19 17.38
CA HIS A 114 0.29 -29.12 17.81
C HIS A 114 0.38 -29.18 19.33
N PRO A 115 -0.06 -30.29 19.92
CA PRO A 115 -0.10 -30.39 21.37
C PRO A 115 1.27 -30.17 22.08
N GLU A 116 2.39 -30.60 21.48
CA GLU A 116 3.72 -30.41 22.11
C GLU A 116 4.04 -28.91 22.22
N LEU A 117 3.66 -28.16 21.21
CA LEU A 117 3.88 -26.73 21.27
C LEU A 117 2.96 -26.08 22.30
N ALA A 118 1.71 -26.52 22.33
CA ALA A 118 0.77 -25.96 23.28
C ALA A 118 1.23 -26.12 24.73
N ARG A 119 1.80 -27.28 25.05
CA ARG A 119 2.36 -27.56 26.36
CA ARG A 119 2.32 -27.49 26.39
C ARG A 119 3.65 -26.76 26.57
N ALA A 120 4.38 -26.48 25.47
CA ALA A 120 5.59 -25.64 25.59
C ALA A 120 5.22 -24.21 26.03
N PHE A 121 4.06 -23.73 25.57
CA PHE A 121 3.59 -22.39 25.95
C PHE A 121 3.44 -22.37 27.48
N VAL A 122 2.82 -23.40 28.01
CA VAL A 122 2.53 -23.51 29.45
C VAL A 122 3.82 -23.68 30.26
N GLU A 123 4.72 -24.54 29.74
CA GLU A 123 6.05 -24.76 30.33
C GLU A 123 6.85 -23.49 30.43
N LEU A 124 6.70 -22.62 29.45
CA LEU A 124 7.43 -21.36 29.40
C LEU A 124 6.76 -20.30 30.23
N GLY A 125 5.64 -20.65 30.84
CA GLY A 125 4.99 -19.75 31.77
C GLY A 125 4.02 -18.76 31.16
N HIS A 126 3.77 -18.88 29.87
CA HIS A 126 2.85 -17.97 29.21
C HIS A 126 1.37 -18.29 29.52
N GLU A 127 0.57 -17.24 29.55
CA GLU A 127 -0.85 -17.36 29.64
C GLU A 127 -1.41 -17.93 28.30
N ILE A 128 -2.40 -18.79 28.35
CA ILE A 128 -3.13 -19.11 27.15
C ILE A 128 -4.56 -18.62 27.34
N ALA A 129 -5.00 -17.75 26.43
CA ALA A 129 -6.38 -17.35 26.31
C ALA A 129 -7.05 -18.03 25.16
N CYS A 130 -8.38 -18.05 25.16
CA CYS A 130 -9.11 -18.75 24.10
C CYS A 130 -9.34 -17.76 22.96
N HIS A 131 -8.91 -18.14 21.78
CA HIS A 131 -9.11 -17.33 20.56
C HIS A 131 -10.17 -17.97 19.66
N GLY A 132 -11.10 -18.71 20.28
CA GLY A 132 -12.12 -19.44 19.55
C GLY A 132 -11.71 -20.87 19.18
N TRP A 133 -12.68 -21.70 18.81
CA TRP A 133 -12.42 -23.04 18.28
C TRP A 133 -11.79 -23.02 16.87
N ARG A 134 -12.26 -22.06 16.05
CA ARG A 134 -11.81 -21.94 14.66
C ARG A 134 -11.26 -20.53 14.44
N TRP A 135 -10.31 -20.34 13.53
CA TRP A 135 -10.00 -18.95 13.14
C TRP A 135 -10.66 -18.70 11.79
N ILE A 136 -11.93 -18.34 11.89
CA ILE A 136 -12.81 -18.08 10.75
C ILE A 136 -13.60 -16.85 11.13
N HIS A 137 -14.18 -16.15 10.13
CA HIS A 137 -15.05 -15.00 10.38
C HIS A 137 -16.34 -15.43 11.06
N TYR A 138 -16.67 -14.86 12.24
CA TYR A 138 -17.93 -15.17 12.90
C TYR A 138 -19.06 -14.15 12.73
N GLN A 139 -18.80 -13.06 12.00
CA GLN A 139 -19.78 -12.02 11.87
C GLN A 139 -21.22 -12.53 11.56
N ASP A 140 -21.32 -13.51 10.67
CA ASP A 140 -22.58 -13.95 10.10
CA ASP A 140 -22.55 -13.96 10.05
C ASP A 140 -23.06 -15.27 10.72
N MET A 141 -22.31 -15.80 11.70
CA MET A 141 -22.67 -17.09 12.33
C MET A 141 -23.79 -16.93 13.31
N THR A 142 -24.73 -17.91 13.34
CA THR A 142 -25.80 -17.86 14.34
C THR A 142 -25.24 -18.05 15.74
N PRO A 143 -25.87 -17.45 16.75
CA PRO A 143 -25.44 -17.61 18.16
C PRO A 143 -25.39 -19.04 18.67
N GLU A 144 -26.34 -19.88 18.23
CA GLU A 144 -26.30 -21.31 18.57
C GLU A 144 -25.01 -21.97 18.11
N ARG A 145 -24.61 -21.68 16.87
CA ARG A 145 -23.43 -22.28 16.31
C ARG A 145 -22.18 -21.67 16.94
N GLU A 146 -22.22 -20.36 17.19
CA GLU A 146 -21.07 -19.70 17.77
C GLU A 146 -20.85 -20.14 19.22
N ALA A 147 -21.94 -20.36 19.94
CA ALA A 147 -21.87 -20.88 21.29
C ALA A 147 -21.25 -22.26 21.30
N GLU A 148 -21.62 -23.13 20.37
CA GLU A 148 -21.01 -24.46 20.30
C GLU A 148 -19.51 -24.35 20.09
N HIS A 149 -19.10 -23.41 19.24
CA HIS A 149 -17.66 -23.27 18.96
C HIS A 149 -16.92 -22.82 20.22
N MET A 150 -17.52 -21.95 21.01
CA MET A 150 -16.87 -21.46 22.21
C MET A 150 -16.60 -22.64 23.14
N ARG A 151 -17.61 -23.52 23.29
CA ARG A 151 -17.47 -24.70 24.13
C ARG A 151 -16.36 -25.62 23.63
N LEU A 152 -16.32 -25.83 22.33
CA LEU A 152 -15.29 -26.70 21.71
C LEU A 152 -13.91 -26.09 21.87
N GLY A 153 -13.81 -24.78 21.70
CA GLY A 153 -12.54 -24.08 21.84
C GLY A 153 -11.98 -24.20 23.25
N MET A 154 -12.82 -23.92 24.25
CA MET A 154 -12.39 -24.02 25.66
C MET A 154 -12.00 -25.44 26.08
N GLU A 155 -12.76 -26.43 25.63
CA GLU A 155 -12.50 -27.83 25.97
C GLU A 155 -11.22 -28.33 25.34
N ALA A 156 -10.98 -27.93 24.08
CA ALA A 156 -9.78 -28.29 23.34
C ALA A 156 -8.52 -27.81 24.06
N ILE A 157 -8.57 -26.59 24.58
CA ILE A 157 -7.36 -25.96 25.06
C ILE A 157 -7.05 -26.63 26.40
N GLU A 158 -8.09 -26.79 27.21
CA GLU A 158 -7.89 -27.42 28.51
C GLU A 158 -7.49 -28.89 28.43
N ARG A 159 -8.11 -29.60 27.50
CA ARG A 159 -7.77 -31.01 27.23
C ARG A 159 -6.28 -31.21 26.94
N VAL A 160 -5.75 -30.32 26.12
CA VAL A 160 -4.39 -30.41 25.63
C VAL A 160 -3.34 -29.88 26.58
N THR A 161 -3.67 -28.79 27.26
CA THR A 161 -2.70 -28.07 28.09
C THR A 161 -2.92 -28.20 29.59
N GLY A 162 -4.11 -28.60 30.00
CA GLY A 162 -4.42 -28.65 31.42
C GLY A 162 -4.78 -27.29 31.96
N VAL A 163 -4.85 -26.30 31.07
CA VAL A 163 -5.09 -24.91 31.47
C VAL A 163 -6.47 -24.48 31.00
N ARG A 164 -7.25 -23.91 31.91
CA ARG A 164 -8.53 -23.37 31.53
C ARG A 164 -8.33 -21.90 31.22
N PRO A 165 -8.60 -21.46 29.97
CA PRO A 165 -8.41 -20.02 29.71
C PRO A 165 -9.30 -19.13 30.57
N LEU A 166 -8.76 -17.95 30.90
CA LEU A 166 -9.47 -16.90 31.62
C LEU A 166 -9.75 -15.64 30.81
N GLY A 167 -9.29 -15.59 29.56
CA GLY A 167 -9.56 -14.49 28.65
C GLY A 167 -10.14 -15.03 27.36
N TRP A 168 -10.96 -14.21 26.71
CA TRP A 168 -11.55 -14.52 25.44
C TRP A 168 -11.23 -13.42 24.40
N TYR A 169 -10.92 -13.85 23.18
CA TYR A 169 -10.77 -12.92 22.03
C TYR A 169 -11.12 -13.65 20.73
N THR A 170 -12.21 -13.31 20.10
CA THR A 170 -12.47 -13.90 18.79
C THR A 170 -11.72 -13.24 17.67
N GLY A 171 -11.82 -11.92 17.58
CA GLY A 171 -11.19 -11.17 16.49
C GLY A 171 -12.28 -10.71 15.55
N ARG A 172 -12.56 -11.56 14.58
CA ARG A 172 -13.59 -11.27 13.65
C ARG A 172 -14.91 -11.81 14.21
N ASP A 173 -15.46 -11.05 15.15
CA ASP A 173 -16.48 -11.53 16.05
C ASP A 173 -17.87 -11.25 15.49
N SER A 174 -18.91 -11.54 16.25
CA SER A 174 -20.27 -11.34 15.78
C SER A 174 -20.91 -10.35 16.71
N PRO A 175 -22.11 -9.91 16.39
CA PRO A 175 -22.82 -9.04 17.35
C PRO A 175 -23.19 -9.71 18.64
N ASN A 176 -23.03 -11.03 18.70
CA ASN A 176 -23.45 -11.79 19.87
C ASN A 176 -22.31 -12.23 20.75
N THR A 177 -21.08 -11.99 20.30
CA THR A 177 -19.95 -12.66 20.94
C THR A 177 -19.76 -12.24 22.43
N HIS A 178 -19.84 -10.94 22.72
CA HIS A 178 -19.79 -10.47 24.08
C HIS A 178 -20.84 -11.17 24.92
N ARG A 179 -22.09 -11.18 24.47
CA ARG A 179 -23.15 -11.89 25.19
C ARG A 179 -22.79 -13.35 25.42
N LEU A 180 -22.21 -14.00 24.40
CA LEU A 180 -21.84 -15.44 24.57
C LEU A 180 -20.75 -15.66 25.61
N VAL A 181 -19.80 -14.72 25.67
CA VAL A 181 -18.73 -14.74 26.67
C VAL A 181 -19.36 -14.61 28.07
N ALA A 182 -20.26 -13.63 28.19
CA ALA A 182 -20.96 -13.38 29.45
C ALA A 182 -21.81 -14.55 29.93
N GLU A 183 -22.50 -15.24 29.01
CA GLU A 183 -23.38 -16.34 29.32
C GLU A 183 -22.62 -17.61 29.70
N TYR A 184 -21.50 -17.82 29.02
CA TYR A 184 -20.58 -18.91 29.31
C TYR A 184 -20.02 -18.70 30.70
N GLY A 185 -19.57 -17.47 30.97
CA GLY A 185 -19.06 -17.19 32.27
C GLY A 185 -17.63 -17.64 32.53
N GLY A 186 -17.16 -17.24 33.68
CA GLY A 186 -15.79 -17.53 34.10
C GLY A 186 -14.62 -16.79 33.45
N PHE A 187 -14.90 -15.87 32.56
CA PHE A 187 -13.87 -15.04 31.87
C PHE A 187 -13.49 -13.78 32.66
N LEU A 188 -12.23 -13.70 33.08
CA LEU A 188 -11.81 -12.54 33.80
C LEU A 188 -11.71 -11.34 32.88
N TYR A 189 -11.53 -11.56 31.56
CA TYR A 189 -11.51 -10.47 30.63
C TYR A 189 -11.91 -10.89 29.19
N ASP A 190 -12.42 -9.92 28.43
CA ASP A 190 -12.78 -10.08 27.00
C ASP A 190 -11.98 -9.01 26.26
N SER A 191 -11.28 -9.40 25.21
CA SER A 191 -10.42 -8.45 24.47
C SER A 191 -10.94 -8.05 23.09
N ASP A 192 -12.22 -8.32 22.83
CA ASP A 192 -12.83 -7.91 21.58
C ASP A 192 -13.26 -6.49 21.66
N HIS A 193 -12.27 -5.62 21.66
CA HIS A 193 -12.53 -4.19 21.80
C HIS A 193 -11.28 -3.38 21.52
N TYR A 194 -11.40 -2.32 20.71
CA TYR A 194 -10.25 -1.49 20.27
C TYR A 194 -10.52 -0.07 20.74
N GLY A 195 -11.28 0.09 21.81
CA GLY A 195 -11.88 1.38 22.14
C GLY A 195 -11.19 2.20 23.21
N ASP A 196 -10.09 1.75 23.80
CA ASP A 196 -9.40 2.57 24.80
C ASP A 196 -7.97 2.11 25.00
N ASP A 197 -7.30 2.85 25.90
CA ASP A 197 -5.94 2.59 26.30
C ASP A 197 -5.83 2.02 27.71
N LEU A 198 -6.97 1.67 28.32
CA LEU A 198 -7.05 1.10 29.67
C LEU A 198 -8.17 0.06 29.69
N PRO A 199 -8.12 -0.91 30.60
CA PRO A 199 -9.29 -1.75 30.78
C PRO A 199 -10.48 -0.91 31.27
N PHE A 200 -11.67 -1.50 31.15
CA PHE A 200 -12.90 -0.90 31.61
C PHE A 200 -14.00 -1.94 31.67
N TRP A 201 -15.07 -1.59 32.35
CA TRP A 201 -16.20 -2.51 32.53
C TRP A 201 -17.31 -2.19 31.50
N MET A 202 -17.81 -3.23 30.84
CA MET A 202 -18.93 -3.17 29.89
C MET A 202 -20.15 -3.87 30.50
N ASP A 203 -21.31 -3.27 30.34
CA ASP A 203 -22.54 -3.88 30.81
C ASP A 203 -23.07 -4.65 29.61
N VAL A 204 -23.06 -5.98 29.70
CA VAL A 204 -23.35 -6.83 28.57
C VAL A 204 -24.74 -7.40 28.78
N GLU A 205 -25.60 -7.10 27.81
CA GLU A 205 -26.95 -7.61 27.81
C GLU A 205 -26.94 -9.10 27.52
N VAL A 206 -27.58 -9.86 28.40
CA VAL A 206 -27.70 -11.27 28.20
C VAL A 206 -29.13 -11.64 27.88
N SER A 207 -29.30 -12.91 27.50
CA SER A 207 -30.60 -13.48 27.16
C SER A 207 -31.58 -13.10 28.21
N GLY A 208 -32.68 -12.46 27.83
CA GLY A 208 -33.63 -11.97 28.82
C GLY A 208 -33.64 -10.46 28.82
N GLY A 209 -32.51 -9.87 28.42
CA GLY A 209 -32.41 -8.43 28.29
C GLY A 209 -31.84 -7.69 29.49
N ALA A 210 -31.55 -8.41 30.58
CA ALA A 210 -30.75 -7.88 31.67
C ALA A 210 -29.26 -7.84 31.33
N SER A 211 -28.48 -7.10 32.12
CA SER A 211 -27.05 -6.95 31.87
C SER A 211 -26.17 -7.55 33.01
N VAL A 212 -24.96 -7.89 32.61
CA VAL A 212 -23.99 -8.54 33.47
C VAL A 212 -22.71 -7.79 33.16
N PRO A 213 -21.95 -7.40 34.19
CA PRO A 213 -20.68 -6.75 33.93
C PRO A 213 -19.66 -7.67 33.27
N GLN A 214 -18.87 -7.14 32.33
CA GLN A 214 -17.78 -7.90 31.75
C GLN A 214 -16.54 -7.03 31.66
N LEU A 215 -15.40 -7.53 32.16
CA LEU A 215 -14.17 -6.70 32.13
C LEU A 215 -13.63 -6.75 30.70
N ILE A 216 -13.44 -5.58 30.11
CA ILE A 216 -12.79 -5.44 28.80
C ILE A 216 -11.34 -5.08 29.01
N VAL A 217 -10.44 -5.86 28.39
CA VAL A 217 -9.04 -5.45 28.27
C VAL A 217 -8.81 -5.20 26.77
N PRO A 218 -8.73 -3.93 26.36
CA PRO A 218 -8.75 -3.66 24.92
C PRO A 218 -7.44 -4.07 24.22
N TYR A 219 -7.60 -4.50 22.96
CA TYR A 219 -6.54 -5.03 22.16
C TYR A 219 -6.29 -4.00 21.06
N THR A 220 -5.58 -4.43 20.02
CA THR A 220 -5.12 -3.54 19.00
C THR A 220 -5.06 -4.16 17.61
N LEU A 221 -5.45 -3.34 16.62
CA LEU A 221 -5.38 -3.63 15.20
C LEU A 221 -4.34 -2.73 14.51
N ASP A 222 -3.79 -1.75 15.21
CA ASP A 222 -2.72 -0.89 14.63
C ASP A 222 -1.33 -1.30 15.12
N ALA A 223 -1.17 -1.61 16.40
CA ALA A 223 0.12 -2.01 16.93
C ALA A 223 0.22 -3.55 16.79
N ASN A 224 0.25 -4.02 15.53
CA ASN A 224 -0.12 -5.42 15.28
C ASN A 224 0.52 -5.85 13.98
N ASP A 225 1.26 -6.95 13.99
CA ASP A 225 1.99 -7.36 12.81
C ASP A 225 1.03 -7.78 11.71
N MET A 226 -0.25 -8.03 12.00
CA MET A 226 -1.24 -8.24 10.93
C MET A 226 -1.12 -7.18 9.78
N ARG A 227 -0.67 -5.98 10.08
CA ARG A 227 -0.56 -4.91 9.10
C ARG A 227 0.54 -5.16 8.10
N PHE A 228 1.37 -6.17 8.32
CA PHE A 228 2.23 -6.69 7.23
C PHE A 228 1.44 -7.41 6.09
N ALA A 229 0.23 -7.82 6.41
CA ALA A 229 -0.58 -8.56 5.45
C ALA A 229 -1.90 -7.87 5.05
N THR A 230 -1.99 -6.54 5.23
CA THR A 230 -3.19 -5.72 4.91
C THR A 230 -2.74 -4.70 3.85
N PRO A 231 -3.69 -4.15 3.07
CA PRO A 231 -3.32 -3.15 2.04
C PRO A 231 -2.53 -1.94 2.57
N GLN A 232 -2.95 -1.36 3.70
CA GLN A 232 -2.16 -0.28 4.41
C GLN A 232 -1.36 -0.95 5.47
N GLY A 233 -0.02 -0.91 5.33
CA GLY A 233 0.85 -2.01 5.82
C GLY A 233 2.38 -1.93 5.84
N PHE A 234 2.93 -1.90 7.05
CA PHE A 234 4.39 -1.79 7.30
C PHE A 234 5.22 -2.50 6.22
N ASN A 235 6.25 -1.87 5.67
CA ASN A 235 7.01 -2.41 4.55
C ASN A 235 8.17 -3.30 5.06
N THR A 236 8.71 -2.93 6.21
CA THR A 236 9.99 -3.46 6.71
C THR A 236 9.88 -3.55 8.20
N ALA A 237 10.86 -4.22 8.80
CA ALA A 237 10.83 -4.40 10.25
C ALA A 237 10.85 -3.04 10.89
N ASP A 238 11.65 -2.15 10.33
CA ASP A 238 11.80 -0.84 10.88
C ASP A 238 10.50 -0.05 10.96
N HIS A 239 9.58 -0.28 10.04
CA HIS A 239 8.31 0.41 10.09
C HIS A 239 7.51 -0.10 11.29
N PHE A 240 7.47 -1.41 11.53
CA PHE A 240 6.72 -1.95 12.66
C PHE A 240 7.40 -1.54 13.97
N PHE A 241 8.71 -1.67 14.02
CA PHE A 241 9.47 -1.15 15.12
C PHE A 241 9.22 0.33 15.45
N HIS A 242 9.42 1.20 14.48
CA HIS A 242 9.11 2.59 14.76
C HIS A 242 7.65 2.90 15.25
N TYR A 243 6.65 2.19 14.71
CA TYR A 243 5.27 2.30 15.19
C TYR A 243 5.11 1.93 16.64
N LEU A 244 5.61 0.74 16.99
CA LEU A 244 5.59 0.33 18.39
C LEU A 244 6.36 1.27 19.30
N ARG A 245 7.54 1.67 18.84
CA ARG A 245 8.41 2.60 19.58
C ARG A 245 7.74 3.90 19.88
N ASP A 246 7.09 4.42 18.87
CA ASP A 246 6.41 5.68 18.96
C ASP A 246 5.18 5.58 19.86
N ALA A 247 4.36 4.55 19.64
CA ALA A 247 3.23 4.26 20.52
C ALA A 247 3.67 4.22 22.00
N PHE A 248 4.66 3.41 22.27
CA PHE A 248 5.21 3.27 23.63
C PHE A 248 5.66 4.61 24.16
N ASP A 249 6.38 5.37 23.33
CA ASP A 249 6.97 6.64 23.77
C ASP A 249 5.88 7.62 24.19
N VAL A 250 4.83 7.66 23.39
CA VAL A 250 3.69 8.56 23.66
C VAL A 250 3.03 8.12 24.96
N LEU A 251 2.81 6.82 25.10
CA LEU A 251 2.18 6.32 26.31
C LEU A 251 3.08 6.55 27.51
N TYR A 252 4.38 6.31 27.37
CA TYR A 252 5.33 6.43 28.52
C TYR A 252 5.32 7.86 29.07
N GLU A 253 5.30 8.83 28.18
CA GLU A 253 5.22 10.25 28.57
C GLU A 253 3.91 10.60 29.29
N GLU A 254 2.82 9.98 28.89
CA GLU A 254 1.50 10.17 29.52
C GLU A 254 1.45 9.56 30.90
N GLY A 255 2.32 8.60 31.11
CA GLY A 255 2.37 7.82 32.34
C GLY A 255 2.84 8.55 33.59
N ASP A 256 3.41 9.74 33.43
CA ASP A 256 3.67 10.67 34.54
C ASP A 256 2.34 11.24 35.12
N GLU A 257 1.29 11.30 34.30
CA GLU A 257 -0.01 11.84 34.70
C GLU A 257 -1.12 10.79 34.85
N ALA A 258 -1.17 9.87 33.88
CA ALA A 258 -2.24 8.87 33.74
C ALA A 258 -1.71 7.67 32.95
N PRO A 259 -1.11 6.70 33.67
CA PRO A 259 -0.56 5.54 32.99
C PRO A 259 -1.61 4.72 32.28
N LYS A 260 -1.23 4.12 31.17
CA LYS A 260 -2.11 3.41 30.24
C LYS A 260 -1.50 2.03 30.02
N MET A 261 -2.12 1.23 29.17
CA MET A 261 -1.51 0.00 28.74
C MET A 261 -1.33 0.08 27.24
N MET A 262 -0.50 -0.81 26.72
CA MET A 262 -0.25 -0.92 25.29
C MET A 262 -0.24 -2.41 24.99
N SER A 263 -0.94 -2.81 23.96
CA SER A 263 -0.90 -4.18 23.45
C SER A 263 -0.01 -4.24 22.21
N ILE A 264 0.59 -5.42 22.01
CA ILE A 264 1.30 -5.71 20.78
C ILE A 264 0.81 -7.03 20.30
N GLY A 265 0.19 -7.01 19.13
CA GLY A 265 -0.27 -8.23 18.39
C GLY A 265 0.83 -8.88 17.52
N MET A 266 0.98 -10.19 17.65
CA MET A 266 1.98 -10.94 16.91
C MET A 266 1.37 -12.20 16.34
N HIS A 267 1.85 -12.58 15.17
CA HIS A 267 1.40 -13.78 14.54
C HIS A 267 2.67 -14.56 14.11
N CYS A 268 2.67 -15.88 14.38
CA CYS A 268 3.81 -16.75 14.15
C CYS A 268 4.21 -16.73 12.68
N ARG A 269 3.22 -16.83 11.82
CA ARG A 269 3.54 -16.85 10.38
C ARG A 269 3.97 -15.53 9.78
N LEU A 270 3.72 -14.41 10.48
CA LEU A 270 4.11 -13.13 9.98
C LEU A 270 5.36 -12.62 10.69
N LEU A 271 5.23 -12.19 11.97
CA LEU A 271 6.40 -11.60 12.66
C LEU A 271 7.53 -12.62 12.78
N GLY A 272 7.16 -13.91 12.73
CA GLY A 272 8.13 -15.00 12.82
C GLY A 272 9.06 -15.16 11.62
N ARG A 273 8.69 -14.60 10.48
CA ARG A 273 9.61 -14.52 9.34
C ARG A 273 10.83 -13.68 9.71
N PRO A 274 12.01 -14.13 9.31
CA PRO A 274 13.25 -13.47 9.73
C PRO A 274 13.28 -11.99 9.36
N GLY A 275 12.78 -11.62 8.17
CA GLY A 275 12.86 -10.23 7.71
C GLY A 275 11.93 -9.31 8.50
N ARG A 276 10.91 -9.86 9.16
CA ARG A 276 10.03 -9.07 10.06
C ARG A 276 10.47 -9.08 11.52
N PHE A 277 11.09 -10.17 11.89
CA PHE A 277 11.38 -10.50 13.28
C PHE A 277 12.27 -9.45 13.97
N ARG A 278 13.15 -8.79 13.21
CA ARG A 278 14.04 -7.68 13.74
C ARG A 278 13.23 -6.61 14.46
N ALA A 279 12.00 -6.40 14.00
CA ALA A 279 11.08 -5.45 14.62
C ALA A 279 10.86 -5.71 16.13
N LEU A 280 10.61 -6.98 16.46
CA LEU A 280 10.41 -7.37 17.86
C LEU A 280 11.66 -7.16 18.70
N GLN A 281 12.80 -7.58 18.15
CA GLN A 281 14.08 -7.45 18.85
C GLN A 281 14.39 -5.99 19.15
N ARG A 282 14.17 -5.11 18.15
CA ARG A 282 14.43 -3.69 18.31
C ARG A 282 13.47 -3.06 19.33
N PHE A 283 12.22 -3.51 19.32
CA PHE A 283 11.25 -2.97 20.29
C PHE A 283 11.55 -3.41 21.74
N LEU A 284 11.95 -4.67 21.89
CA LEU A 284 12.27 -5.22 23.20
C LEU A 284 13.49 -4.48 23.72
N ASP A 285 14.42 -4.19 22.82
CA ASP A 285 15.62 -3.48 23.21
C ASP A 285 15.25 -2.06 23.68
N HIS A 286 14.33 -1.44 22.97
CA HIS A 286 13.89 -0.11 23.27
C HIS A 286 13.25 -0.03 24.65
N ILE A 287 12.36 -0.95 24.96
CA ILE A 287 11.62 -0.87 26.23
C ILE A 287 12.47 -1.31 27.42
N GLU A 288 13.47 -2.15 27.16
CA GLU A 288 14.46 -2.55 28.16
C GLU A 288 15.26 -1.39 28.74
N ARG A 289 15.43 -0.33 27.94
CA ARG A 289 16.10 0.90 28.33
C ARG A 289 15.25 1.81 29.21
N HIS A 290 13.99 1.48 29.44
CA HIS A 290 13.07 2.34 30.20
C HIS A 290 12.71 1.77 31.55
N ASP A 291 12.82 2.62 32.57
CA ASP A 291 12.39 2.34 33.92
C ASP A 291 10.87 2.27 33.96
N ARG A 292 10.30 1.61 34.97
CA ARG A 292 8.88 1.72 35.23
C ARG A 292 8.05 1.23 34.07
N VAL A 293 8.48 0.10 33.49
CA VAL A 293 7.67 -0.64 32.53
C VAL A 293 7.26 -1.96 33.12
N TRP A 294 5.96 -2.20 33.16
CA TRP A 294 5.43 -3.50 33.50
C TRP A 294 5.13 -4.31 32.24
N VAL A 295 5.94 -5.32 31.99
CA VAL A 295 5.65 -6.26 30.92
C VAL A 295 4.79 -7.38 31.54
N ALA A 296 3.53 -7.48 31.14
CA ALA A 296 2.54 -8.29 31.86
C ALA A 296 1.84 -9.32 30.97
N ARG A 297 1.42 -10.41 31.57
CA ARG A 297 0.41 -11.29 30.97
C ARG A 297 -0.92 -10.57 30.99
N ARG A 298 -1.74 -10.80 29.98
CA ARG A 298 -3.02 -10.13 29.87
C ARG A 298 -3.87 -10.36 31.12
N VAL A 299 -3.91 -11.60 31.58
CA VAL A 299 -4.70 -11.94 32.76
C VAL A 299 -4.17 -11.23 34.02
N GLU A 300 -2.88 -10.96 34.09
CA GLU A 300 -2.37 -10.17 35.26
C GLU A 300 -2.90 -8.71 35.23
N ILE A 301 -3.02 -8.13 34.04
CA ILE A 301 -3.60 -6.81 33.92
C ILE A 301 -5.09 -6.88 34.32
N ALA A 302 -5.79 -7.94 33.95
CA ALA A 302 -7.21 -8.02 34.30
C ALA A 302 -7.40 -8.25 35.82
N ARG A 303 -6.57 -9.11 36.41
CA ARG A 303 -6.60 -9.26 37.86
C ARG A 303 -6.26 -7.93 38.54
N HIS A 304 -5.28 -7.20 38.01
CA HIS A 304 -4.95 -5.92 38.60
C HIS A 304 -6.17 -4.99 38.63
N TRP A 305 -6.79 -4.86 37.47
CA TRP A 305 -7.97 -4.01 37.33
C TRP A 305 -9.13 -4.43 38.22
N ARG A 306 -9.41 -5.71 38.28
CA ARG A 306 -10.46 -6.19 39.17
C ARG A 306 -10.18 -5.89 40.63
N GLU A 307 -8.92 -5.92 41.04
CA GLU A 307 -8.56 -5.65 42.44
C GLU A 307 -8.65 -4.15 42.75
N HIS A 308 -8.06 -3.34 41.87
CA HIS A 308 -7.93 -1.90 42.11
C HIS A 308 -9.06 -1.03 41.54
N HIS A 309 -9.75 -1.54 40.52
CA HIS A 309 -10.80 -0.79 39.84
C HIS A 309 -12.03 -1.63 39.69
N PRO A 310 -12.61 -2.06 40.82
CA PRO A 310 -13.73 -2.95 40.71
C PRO A 310 -14.94 -2.27 40.12
N TYR A 311 -15.84 -3.11 39.67
CA TYR A 311 -17.08 -2.64 39.08
C TYR A 311 -17.85 -1.74 40.07
N PHE B 7 -13.12 28.29 -26.16
CA PHE B 7 -13.56 26.87 -26.19
C PHE B 7 -14.51 26.65 -25.03
N ASP B 8 -15.67 26.07 -25.31
CA ASP B 8 -16.65 25.70 -24.27
C ASP B 8 -16.97 26.85 -23.30
N PRO B 9 -17.37 28.01 -23.82
CA PRO B 9 -17.61 29.20 -22.99
C PRO B 9 -18.36 28.94 -21.68
N ASN B 10 -19.35 28.06 -21.74
CA ASN B 10 -20.28 27.75 -20.65
C ASN B 10 -19.77 26.76 -19.58
N TYR B 11 -18.62 26.15 -19.84
CA TYR B 11 -18.05 25.14 -18.95
C TYR B 11 -17.97 25.55 -17.48
N PRO B 12 -18.67 24.82 -16.59
CA PRO B 12 -18.76 25.25 -15.18
C PRO B 12 -17.71 24.67 -14.22
N ARG B 13 -16.45 24.63 -14.64
CA ARG B 13 -15.28 24.38 -13.79
C ARG B 13 -14.27 25.47 -14.07
N ASP B 14 -13.69 26.02 -13.01
CA ASP B 14 -12.64 27.01 -13.16
C ASP B 14 -11.32 26.27 -13.08
N LEU B 15 -10.81 25.83 -14.22
CA LEU B 15 -9.49 25.23 -14.30
C LEU B 15 -8.31 26.24 -14.11
N ILE B 16 -8.61 27.52 -14.24
CA ILE B 16 -7.56 28.55 -14.31
C ILE B 16 -7.22 29.15 -12.91
N GLY B 17 -8.23 29.58 -12.16
CA GLY B 17 -7.99 30.05 -10.79
C GLY B 17 -7.25 31.37 -10.85
N TYR B 18 -6.19 31.48 -10.07
CA TYR B 18 -5.37 32.67 -10.07
C TYR B 18 -4.38 32.73 -11.23
N GLY B 19 -4.21 31.61 -11.95
CA GLY B 19 -3.15 31.57 -12.94
C GLY B 19 -1.79 31.66 -12.26
N ARG B 20 -0.84 32.21 -12.98
CA ARG B 20 0.56 32.09 -12.67
C ARG B 20 0.96 32.91 -11.44
N HIS B 21 0.30 34.04 -11.24
CA HIS B 21 0.60 34.94 -10.13
C HIS B 21 -0.62 35.14 -9.24
N PRO B 22 -0.71 34.36 -8.13
CA PRO B 22 -1.83 34.56 -7.21
C PRO B 22 -1.78 35.92 -6.57
N VAL B 23 -2.90 36.30 -5.97
CA VAL B 23 -2.94 37.53 -5.20
C VAL B 23 -2.13 37.41 -3.95
N GLN B 24 -1.71 38.55 -3.43
CA GLN B 24 -0.97 38.63 -2.18
C GLN B 24 -1.92 38.41 -1.05
N ALA B 25 -1.68 37.36 -0.30
CA ALA B 25 -2.52 37.02 0.85
C ALA B 25 -2.52 38.10 1.92
N ASN B 26 -1.34 38.67 2.19
CA ASN B 26 -1.20 39.68 3.22
C ASN B 26 -1.71 39.24 4.58
N TRP B 27 -1.26 38.06 4.99
CA TRP B 27 -1.71 37.43 6.23
C TRP B 27 -1.29 38.37 7.38
N PRO B 28 -1.98 38.29 8.52
CA PRO B 28 -1.49 39.03 9.71
C PRO B 28 -0.05 38.66 10.05
N GLY B 29 0.67 39.62 10.61
CA GLY B 29 2.06 39.46 11.02
C GLY B 29 3.00 39.18 9.87
N ARG B 30 2.61 39.59 8.68
CA ARG B 30 3.33 39.32 7.48
C ARG B 30 3.67 37.82 7.37
N ALA B 31 2.74 36.96 7.81
CA ALA B 31 3.02 35.53 7.81
C ALA B 31 3.39 35.01 6.42
N ARG B 32 4.41 34.18 6.40
CA ARG B 32 4.80 33.48 5.18
CA ARG B 32 4.82 33.47 5.19
C ARG B 32 3.82 32.36 4.78
N VAL B 33 3.10 31.80 5.75
CA VAL B 33 2.15 30.70 5.52
C VAL B 33 1.14 30.74 6.67
N ALA B 34 -0.11 30.46 6.34
CA ALA B 34 -1.17 30.35 7.33
C ALA B 34 -1.43 28.86 7.42
N VAL B 35 -1.40 28.32 8.65
CA VAL B 35 -1.48 26.87 8.90
C VAL B 35 -2.78 26.67 9.60
N GLN B 36 -3.61 25.78 9.09
CA GLN B 36 -4.96 25.60 9.59
C GLN B 36 -5.24 24.12 9.92
N PHE B 37 -5.22 23.78 11.22
CA PHE B 37 -5.49 22.42 11.65
C PHE B 37 -6.97 22.11 11.72
N VAL B 38 -7.36 20.97 11.15
CA VAL B 38 -8.73 20.53 11.18
C VAL B 38 -8.87 19.32 12.04
N LEU B 39 -9.77 19.35 13.01
CA LEU B 39 -10.07 18.13 13.82
C LEU B 39 -11.45 17.68 13.44
N ASN B 40 -11.52 16.63 12.63
CA ASN B 40 -12.82 16.09 12.24
C ASN B 40 -13.38 15.37 13.46
N TYR B 41 -14.67 15.55 13.73
CA TYR B 41 -15.32 14.83 14.83
C TYR B 41 -16.55 14.11 14.29
N GLU B 42 -16.35 12.84 13.94
CA GLU B 42 -17.36 12.08 13.18
C GLU B 42 -17.94 10.95 13.98
N GLU B 43 -17.18 10.56 15.02
CA GLU B 43 -17.47 9.42 15.84
C GLU B 43 -18.80 9.54 16.53
N GLY B 44 -19.64 8.57 16.23
CA GLY B 44 -21.05 8.55 16.67
C GLY B 44 -22.01 9.01 15.60
N GLY B 45 -21.47 9.44 14.45
CA GLY B 45 -22.29 9.85 13.32
C GLY B 45 -22.13 9.02 12.06
N GLU B 46 -21.30 8.00 12.12
CA GLU B 46 -20.91 7.16 11.01
C GLU B 46 -22.00 6.12 10.68
N ASN B 47 -21.82 5.36 9.60
CA ASN B 47 -22.83 4.36 9.23
C ASN B 47 -22.95 3.36 10.38
N CYS B 48 -24.19 3.17 10.86
CA CYS B 48 -24.42 2.17 11.87
C CYS B 48 -25.88 1.83 11.81
N VAL B 49 -26.21 0.55 11.94
CA VAL B 49 -27.63 0.17 11.91
C VAL B 49 -28.40 0.78 13.09
N LEU B 50 -27.69 1.11 14.17
CA LEU B 50 -28.27 1.84 15.29
C LEU B 50 -28.72 3.23 14.94
N HIS B 51 -28.23 3.76 13.81
CA HIS B 51 -28.61 5.10 13.38
C HIS B 51 -29.66 5.03 12.28
N GLY B 52 -30.11 3.83 11.97
CA GLY B 52 -31.10 3.64 10.93
C GLY B 52 -30.47 3.54 9.56
N ASP B 53 -29.14 3.31 9.50
CA ASP B 53 -28.45 3.10 8.21
C ASP B 53 -28.58 1.64 7.80
N PRO B 54 -28.49 1.35 6.48
CA PRO B 54 -28.59 -0.03 6.01
C PRO B 54 -27.50 -0.99 6.54
N ALA B 55 -26.28 -0.49 6.72
CA ALA B 55 -25.17 -1.33 7.12
C ALA B 55 -24.07 -0.59 7.90
N SER B 56 -23.06 -1.35 8.28
CA SER B 56 -21.98 -0.91 9.13
C SER B 56 -20.95 -0.15 8.35
N GLU B 57 -20.11 0.61 9.07
CA GLU B 57 -19.17 1.50 8.43
C GLU B 57 -18.06 0.72 7.75
N GLN B 58 -17.66 1.24 6.61
CA GLN B 58 -16.50 0.73 5.87
C GLN B 58 -15.24 1.61 5.81
N PHE B 59 -15.41 2.93 5.95
CA PHE B 59 -14.40 3.92 5.60
C PHE B 59 -13.66 4.41 6.83
N LEU B 60 -12.36 4.70 6.64
CA LEU B 60 -11.50 5.37 7.64
C LEU B 60 -11.49 4.64 8.99
N SER B 61 -11.05 3.38 8.92
CA SER B 61 -10.95 2.54 10.13
C SER B 61 -9.61 1.86 10.08
N GLU B 62 -9.33 1.04 11.11
CA GLU B 62 -8.15 0.17 11.18
C GLU B 62 -8.26 -1.06 10.28
N ILE B 63 -9.48 -1.33 9.77
CA ILE B 63 -9.81 -2.46 8.88
C ILE B 63 -9.92 -1.89 7.43
N VAL B 64 -8.79 -1.72 6.77
CA VAL B 64 -8.87 -1.16 5.42
C VAL B 64 -9.45 -2.25 4.54
N GLY B 65 -10.44 -1.89 3.74
CA GLY B 65 -11.10 -2.85 2.86
C GLY B 65 -12.23 -3.59 3.53
N ALA B 66 -12.72 -3.02 4.64
CA ALA B 66 -13.81 -3.64 5.42
C ALA B 66 -15.07 -3.78 4.58
N ALA B 67 -15.76 -4.90 4.76
CA ALA B 67 -17.08 -5.12 4.14
C ALA B 67 -18.10 -4.37 4.98
N ALA B 68 -19.26 -4.11 4.40
CA ALA B 68 -20.35 -3.52 5.15
C ALA B 68 -21.30 -4.69 5.49
N TYR B 69 -21.77 -4.74 6.74
CA TYR B 69 -22.79 -5.73 7.16
C TYR B 69 -24.13 -5.10 7.53
N PRO B 70 -25.24 -5.77 7.15
CA PRO B 70 -26.57 -5.30 7.54
C PRO B 70 -26.83 -5.65 9.01
N ALA B 71 -25.90 -5.22 9.87
CA ALA B 71 -25.95 -5.56 11.26
C ALA B 71 -24.85 -4.74 11.92
N ARG B 72 -24.70 -4.89 13.23
CA ARG B 72 -23.58 -4.25 13.92
C ARG B 72 -22.27 -4.99 13.67
N HIS B 73 -21.25 -4.20 13.28
CA HIS B 73 -19.88 -4.67 13.14
C HIS B 73 -19.10 -4.22 14.37
N MET B 74 -18.87 -5.14 15.32
CA MET B 74 -18.38 -4.70 16.64
C MET B 74 -17.02 -4.06 16.57
N SER B 75 -16.13 -4.65 15.79
CA SER B 75 -14.78 -4.13 15.64
C SER B 75 -14.81 -2.71 15.13
N MET B 76 -15.65 -2.47 14.15
CA MET B 76 -15.81 -1.14 13.58
C MET B 76 -16.33 -0.18 14.63
N GLU B 77 -17.28 -0.63 15.41
CA GLU B 77 -17.83 0.24 16.43
C GLU B 77 -16.80 0.67 17.44
N SER B 78 -15.96 -0.27 17.91
CA SER B 78 -14.99 0.09 18.96
C SER B 78 -13.78 0.87 18.44
N ILE B 79 -13.43 0.60 17.18
CA ILE B 79 -12.46 1.44 16.48
C ILE B 79 -12.94 2.89 16.48
N TYR B 80 -14.19 3.13 16.10
CA TYR B 80 -14.79 4.48 16.16
C TYR B 80 -14.84 5.04 17.61
N GLU B 81 -15.26 4.21 18.56
CA GLU B 81 -15.30 4.58 19.95
C GLU B 81 -13.96 5.02 20.48
N TYR B 82 -12.86 4.45 19.96
CA TYR B 82 -11.57 4.91 20.42
C TYR B 82 -11.40 6.42 20.21
N GLY B 83 -11.87 6.92 19.08
CA GLY B 83 -11.78 8.36 18.76
C GLY B 83 -12.49 9.23 19.77
N SER B 84 -13.70 8.85 20.12
CA SER B 84 -14.49 9.67 21.10
C SER B 84 -14.05 9.45 22.54
N ARG B 85 -13.59 8.24 22.81
CA ARG B 85 -13.23 7.85 24.19
C ARG B 85 -11.83 8.35 24.59
N ALA B 86 -10.88 8.32 23.64
CA ALA B 86 -9.47 8.45 23.98
C ALA B 86 -8.70 9.35 23.01
N GLY B 87 -8.84 9.14 21.71
CA GLY B 87 -8.02 9.87 20.71
C GLY B 87 -8.25 11.38 20.76
N VAL B 88 -9.53 11.78 20.87
CA VAL B 88 -9.86 13.23 20.90
C VAL B 88 -9.17 13.97 21.99
N TRP B 89 -9.18 13.42 23.21
CA TRP B 89 -8.53 14.08 24.32
C TRP B 89 -7.02 14.18 24.14
N ARG B 90 -6.38 13.18 23.51
CA ARG B 90 -4.93 13.25 23.27
C ARG B 90 -4.62 14.40 22.34
N ILE B 91 -5.44 14.58 21.32
CA ILE B 91 -5.20 15.70 20.41
C ILE B 91 -5.47 17.05 21.08
N LEU B 92 -6.58 17.14 21.81
CA LEU B 92 -6.92 18.38 22.52
C LEU B 92 -5.86 18.75 23.56
N ARG B 93 -5.27 17.76 24.22
CA ARG B 93 -4.20 18.03 25.20
C ARG B 93 -3.01 18.68 24.53
N GLU B 94 -2.62 18.17 23.35
CA GLU B 94 -1.48 18.72 22.64
C GLU B 94 -1.67 20.17 22.22
N PHE B 95 -2.85 20.51 21.70
CA PHE B 95 -3.09 21.88 21.28
C PHE B 95 -3.15 22.78 22.49
N ASP B 96 -3.82 22.31 23.55
CA ASP B 96 -3.92 23.10 24.78
C ASP B 96 -2.55 23.44 25.37
N LYS B 97 -1.71 22.42 25.47
CA LYS B 97 -0.34 22.53 26.00
C LYS B 97 0.49 23.58 25.21
N ARG B 98 0.28 23.64 23.91
CA ARG B 98 0.97 24.63 23.08
C ARG B 98 0.24 25.95 22.87
N GLY B 99 -0.96 26.06 23.40
CA GLY B 99 -1.75 27.30 23.26
C GLY B 99 -2.15 27.64 21.84
N LEU B 100 -2.50 26.61 21.07
CA LEU B 100 -2.81 26.73 19.65
C LEU B 100 -4.25 26.39 19.35
N PRO B 101 -4.83 27.08 18.37
CA PRO B 101 -6.22 26.84 18.00
C PRO B 101 -6.35 25.83 16.87
N LEU B 102 -7.53 25.24 16.76
CA LEU B 102 -7.86 24.45 15.59
C LEU B 102 -9.34 24.70 15.28
N THR B 103 -9.80 24.15 14.17
CA THR B 103 -11.17 24.19 13.80
C THR B 103 -11.70 22.75 13.86
N VAL B 104 -12.87 22.55 14.47
CA VAL B 104 -13.48 21.21 14.46
C VAL B 104 -14.45 21.16 13.29
N PHE B 105 -14.37 20.11 12.48
CA PHE B 105 -15.36 19.78 11.50
C PHE B 105 -16.28 18.78 12.18
N GLY B 106 -17.36 19.28 12.76
CA GLY B 106 -18.20 18.49 13.68
C GLY B 106 -19.41 17.92 13.01
N VAL B 107 -19.54 16.58 13.00
CA VAL B 107 -20.78 15.93 12.63
C VAL B 107 -21.90 16.11 13.66
N GLY B 108 -23.01 16.71 13.23
CA GLY B 108 -24.10 17.03 14.13
C GLY B 108 -24.48 15.88 15.05
N MET B 109 -24.71 14.70 14.48
CA MET B 109 -25.11 13.57 15.31
C MET B 109 -24.00 13.17 16.34
N ALA B 110 -22.75 13.15 15.89
CA ALA B 110 -21.63 12.86 16.77
C ALA B 110 -21.52 13.90 17.87
N ILE B 111 -21.69 15.16 17.53
CA ILE B 111 -21.73 16.26 18.55
C ILE B 111 -22.85 16.05 19.59
N GLU B 112 -24.04 15.70 19.12
CA GLU B 112 -25.14 15.40 20.05
C GLU B 112 -24.93 14.22 20.99
N ARG B 113 -24.17 13.22 20.54
CA ARG B 113 -23.89 12.00 21.34
C ARG B 113 -22.83 12.25 22.41
N HIS B 114 -22.01 13.28 22.25
CA HIS B 114 -20.98 13.60 23.23
C HIS B 114 -21.01 15.08 23.54
N PRO B 115 -22.08 15.54 24.19
CA PRO B 115 -22.24 16.97 24.41
C PRO B 115 -21.17 17.61 25.30
N GLU B 116 -20.69 16.89 26.32
CA GLU B 116 -19.65 17.44 27.17
C GLU B 116 -18.38 17.74 26.36
N LEU B 117 -18.03 16.87 25.43
CA LEU B 117 -16.85 17.08 24.60
C LEU B 117 -17.08 18.26 23.63
N ALA B 118 -18.28 18.32 23.05
CA ALA B 118 -18.61 19.40 22.15
C ALA B 118 -18.48 20.75 22.86
N ARG B 119 -18.95 20.82 24.10
CA ARG B 119 -18.84 22.02 24.92
CA ARG B 119 -18.83 22.04 24.88
C ARG B 119 -17.38 22.30 25.26
N ALA B 120 -16.59 21.24 25.46
CA ALA B 120 -15.16 21.38 25.71
C ALA B 120 -14.47 22.02 24.50
N PHE B 121 -14.87 21.67 23.27
CA PHE B 121 -14.28 22.31 22.05
C PHE B 121 -14.44 23.83 22.13
N VAL B 122 -15.62 24.26 22.53
CA VAL B 122 -15.90 25.71 22.69
C VAL B 122 -15.14 26.31 23.85
N GLU B 123 -15.10 25.59 24.98
CA GLU B 123 -14.35 25.99 26.20
C GLU B 123 -12.88 26.28 25.90
N LEU B 124 -12.30 25.47 25.02
CA LEU B 124 -10.88 25.57 24.64
C LEU B 124 -10.66 26.57 23.57
N GLY B 125 -11.75 27.17 23.10
CA GLY B 125 -11.74 28.25 22.14
C GLY B 125 -11.68 27.87 20.68
N HIS B 126 -11.87 26.59 20.37
CA HIS B 126 -11.76 26.15 18.99
C HIS B 126 -13.03 26.56 18.27
N GLU B 127 -12.89 26.73 16.96
CA GLU B 127 -14.05 26.91 16.10
C GLU B 127 -14.75 25.59 15.95
N ILE B 128 -16.08 25.60 15.91
CA ILE B 128 -16.77 24.42 15.39
C ILE B 128 -17.44 24.76 14.06
N ALA B 129 -17.03 24.07 13.00
CA ALA B 129 -17.70 24.12 11.70
C ALA B 129 -18.63 22.91 11.55
N CYS B 130 -19.62 23.03 10.64
CA CYS B 130 -20.57 21.92 10.40
C CYS B 130 -20.01 20.96 9.32
N HIS B 131 -19.91 19.69 9.69
CA HIS B 131 -19.47 18.59 8.86
C HIS B 131 -20.64 17.69 8.56
N GLY B 132 -21.83 18.29 8.48
CA GLY B 132 -23.06 17.57 8.16
C GLY B 132 -23.76 16.93 9.36
N TRP B 133 -25.02 16.55 9.19
CA TRP B 133 -25.76 15.83 10.26
C TRP B 133 -25.23 14.40 10.49
N ARG B 134 -24.87 13.75 9.38
CA ARG B 134 -24.38 12.39 9.34
C ARG B 134 -23.01 12.31 8.68
N TRP B 135 -22.16 11.41 9.16
CA TRP B 135 -20.97 11.13 8.36
C TRP B 135 -21.20 9.87 7.46
N ILE B 136 -21.70 10.12 6.27
CA ILE B 136 -22.06 9.11 5.29
C ILE B 136 -21.82 9.71 3.93
N HIS B 137 -21.80 8.87 2.90
CA HIS B 137 -21.66 9.30 1.54
C HIS B 137 -22.89 10.06 1.05
N TYR B 138 -22.70 11.30 0.57
CA TYR B 138 -23.81 12.11 0.08
C TYR B 138 -23.96 12.14 -1.44
N GLN B 139 -23.04 11.52 -2.19
CA GLN B 139 -23.01 11.62 -3.65
C GLN B 139 -24.35 11.34 -4.33
N ASP B 140 -25.02 10.30 -3.86
CA ASP B 140 -26.22 9.83 -4.50
CA ASP B 140 -26.21 9.73 -4.43
C ASP B 140 -27.47 10.42 -3.85
N MET B 141 -27.35 11.20 -2.79
CA MET B 141 -28.55 11.70 -2.05
C MET B 141 -29.32 12.76 -2.82
N THR B 142 -30.66 12.71 -2.81
CA THR B 142 -31.43 13.80 -3.38
C THR B 142 -31.19 15.12 -2.63
N PRO B 143 -31.29 16.24 -3.34
CA PRO B 143 -31.08 17.50 -2.64
C PRO B 143 -32.11 17.84 -1.58
N GLU B 144 -33.35 17.38 -1.73
CA GLU B 144 -34.37 17.53 -0.71
C GLU B 144 -33.89 16.90 0.59
N ARG B 145 -33.44 15.66 0.49
CA ARG B 145 -32.94 14.92 1.64
C ARG B 145 -31.66 15.51 2.23
N GLU B 146 -30.74 15.92 1.37
CA GLU B 146 -29.50 16.55 1.79
C GLU B 146 -29.75 17.87 2.54
N ALA B 147 -30.72 18.65 2.05
CA ALA B 147 -31.04 19.94 2.65
C ALA B 147 -31.60 19.72 4.07
N GLU B 148 -32.42 18.69 4.22
CA GLU B 148 -32.96 18.33 5.55
C GLU B 148 -31.78 18.00 6.49
N HIS B 149 -30.81 17.23 6.03
CA HIS B 149 -29.66 16.89 6.87
C HIS B 149 -28.88 18.12 7.27
N MET B 150 -28.72 19.06 6.36
CA MET B 150 -28.00 20.29 6.66
C MET B 150 -28.72 21.05 7.78
N ARG B 151 -30.04 21.14 7.70
CA ARG B 151 -30.82 21.81 8.74
C ARG B 151 -30.57 21.10 10.06
N LEU B 152 -30.67 19.77 10.05
CA LEU B 152 -30.49 18.94 11.28
C LEU B 152 -29.10 19.06 11.93
N GLY B 153 -28.06 19.11 11.10
CA GLY B 153 -26.70 19.26 11.57
C GLY B 153 -26.47 20.61 12.21
N MET B 154 -26.90 21.65 11.51
CA MET B 154 -26.72 23.02 11.99
C MET B 154 -27.44 23.20 13.30
N GLU B 155 -28.64 22.66 13.37
CA GLU B 155 -29.46 22.82 14.58
C GLU B 155 -28.92 22.03 15.77
N ALA B 156 -28.43 20.81 15.51
CA ALA B 156 -27.83 19.98 16.54
C ALA B 156 -26.64 20.68 17.17
N ILE B 157 -25.74 21.16 16.35
CA ILE B 157 -24.51 21.77 16.83
C ILE B 157 -24.86 23.00 17.66
N GLU B 158 -25.84 23.77 17.20
CA GLU B 158 -26.19 25.00 17.85
C GLU B 158 -26.89 24.75 19.19
N ARG B 159 -27.76 23.75 19.20
CA ARG B 159 -28.45 23.34 20.43
C ARG B 159 -27.49 22.86 21.52
N VAL B 160 -26.47 22.13 21.10
CA VAL B 160 -25.54 21.51 22.04
C VAL B 160 -24.49 22.48 22.56
N THR B 161 -23.94 23.27 21.64
CA THR B 161 -22.77 24.08 21.94
C THR B 161 -23.08 25.57 22.06
N GLY B 162 -24.23 26.01 21.52
CA GLY B 162 -24.58 27.42 21.49
C GLY B 162 -23.94 28.21 20.37
N VAL B 163 -23.08 27.57 19.59
CA VAL B 163 -22.42 28.19 18.43
C VAL B 163 -23.17 27.90 17.15
N ARG B 164 -23.27 28.88 16.25
CA ARG B 164 -23.86 28.71 14.92
C ARG B 164 -22.65 28.61 13.99
N PRO B 165 -22.44 27.44 13.36
CA PRO B 165 -21.25 27.29 12.50
C PRO B 165 -21.26 28.29 11.38
N LEU B 166 -20.08 28.79 11.03
CA LEU B 166 -19.93 29.72 9.92
C LEU B 166 -19.17 29.09 8.76
N GLY B 167 -18.74 27.83 8.94
CA GLY B 167 -18.09 27.01 7.93
C GLY B 167 -18.83 25.72 7.67
N TRP B 168 -18.76 25.23 6.44
CA TRP B 168 -19.40 23.99 6.02
C TRP B 168 -18.35 23.05 5.34
N TYR B 169 -18.36 21.79 5.72
CA TYR B 169 -17.62 20.78 4.97
C TYR B 169 -18.33 19.45 5.03
N THR B 170 -18.81 18.96 3.90
CA THR B 170 -19.39 17.61 3.90
C THR B 170 -18.33 16.55 3.76
N GLY B 171 -17.49 16.70 2.73
CA GLY B 171 -16.43 15.73 2.48
C GLY B 171 -16.84 14.91 1.30
N ARG B 172 -17.58 13.86 1.56
CA ARG B 172 -18.10 13.04 0.49
C ARG B 172 -19.43 13.61 0.05
N ASP B 173 -19.35 14.68 -0.72
CA ASP B 173 -20.46 15.57 -0.97
C ASP B 173 -21.23 15.15 -2.22
N SER B 174 -22.16 15.99 -2.65
CA SER B 174 -22.94 15.70 -3.82
C SER B 174 -22.76 16.80 -4.83
N PRO B 175 -23.26 16.63 -6.05
CA PRO B 175 -23.27 17.76 -6.99
C PRO B 175 -24.11 18.99 -6.60
N ASN B 176 -24.94 18.84 -5.58
CA ASN B 176 -25.82 19.89 -5.07
C ASN B 176 -25.34 20.63 -3.82
N THR B 177 -24.24 20.21 -3.21
CA THR B 177 -23.92 20.65 -1.83
C THR B 177 -23.56 22.12 -1.81
N HIS B 178 -22.72 22.58 -2.77
CA HIS B 178 -22.34 23.96 -2.79
C HIS B 178 -23.60 24.79 -2.91
N ARG B 179 -24.51 24.41 -3.81
CA ARG B 179 -25.77 25.17 -3.97
C ARG B 179 -26.56 25.13 -2.66
N LEU B 180 -26.62 23.97 -2.00
CA LEU B 180 -27.34 23.91 -0.71
C LEU B 180 -26.76 24.89 0.33
N VAL B 181 -25.44 24.99 0.36
CA VAL B 181 -24.75 25.87 1.32
C VAL B 181 -25.10 27.34 0.97
N ALA B 182 -25.11 27.66 -0.32
CA ALA B 182 -25.48 28.99 -0.80
C ALA B 182 -26.93 29.36 -0.47
N GLU B 183 -27.85 28.40 -0.63
CA GLU B 183 -29.25 28.58 -0.39
C GLU B 183 -29.56 28.65 1.11
N TYR B 184 -28.72 28.01 1.92
CA TYR B 184 -28.92 27.98 3.35
C TYR B 184 -28.55 29.37 3.87
N GLY B 185 -27.48 29.93 3.39
CA GLY B 185 -27.11 31.29 3.81
C GLY B 185 -26.43 31.33 5.15
N GLY B 186 -25.78 32.46 5.40
CA GLY B 186 -25.08 32.75 6.64
C GLY B 186 -23.71 32.13 6.85
N PHE B 187 -23.26 31.24 5.95
CA PHE B 187 -21.88 30.68 6.01
C PHE B 187 -20.85 31.71 5.53
N LEU B 188 -19.68 31.73 6.16
CA LEU B 188 -18.60 32.58 5.71
C LEU B 188 -17.71 31.83 4.78
N TYR B 189 -17.69 30.51 4.88
CA TYR B 189 -16.91 29.70 3.95
C TYR B 189 -17.44 28.28 3.77
N ASP B 190 -17.06 27.67 2.64
CA ASP B 190 -17.29 26.27 2.29
C ASP B 190 -15.91 25.65 2.00
N SER B 191 -15.61 24.49 2.58
CA SER B 191 -14.30 23.87 2.39
C SER B 191 -14.35 22.61 1.54
N ASP B 192 -15.48 22.41 0.84
CA ASP B 192 -15.61 21.30 -0.09
C ASP B 192 -14.92 21.58 -1.41
N HIS B 193 -13.59 21.66 -1.33
CA HIS B 193 -12.75 21.95 -2.50
C HIS B 193 -11.29 21.65 -2.20
N TYR B 194 -10.56 21.01 -3.15
CA TYR B 194 -9.16 20.63 -2.97
C TYR B 194 -8.34 21.31 -4.06
N GLY B 195 -8.82 22.44 -4.57
CA GLY B 195 -8.31 23.00 -5.84
C GLY B 195 -7.30 24.12 -5.78
N ASP B 196 -6.87 24.52 -4.59
CA ASP B 196 -5.90 25.63 -4.53
C ASP B 196 -5.21 25.67 -3.22
N ASP B 197 -4.24 26.59 -3.17
CA ASP B 197 -3.49 26.84 -1.95
C ASP B 197 -3.86 28.12 -1.26
N LEU B 198 -4.95 28.74 -1.72
CA LEU B 198 -5.42 29.98 -1.19
C LEU B 198 -6.94 29.91 -1.25
N PRO B 199 -7.61 30.62 -0.32
CA PRO B 199 -9.02 30.83 -0.60
C PRO B 199 -9.29 31.57 -1.93
N PHE B 200 -10.53 31.47 -2.36
CA PHE B 200 -10.97 32.11 -3.57
C PHE B 200 -12.50 32.09 -3.57
N TRP B 201 -13.06 32.89 -4.47
CA TRP B 201 -14.50 33.04 -4.56
C TRP B 201 -15.06 32.21 -5.69
N MET B 202 -16.09 31.45 -5.41
CA MET B 202 -16.82 30.65 -6.43
C MET B 202 -18.17 31.25 -6.72
N ASP B 203 -18.60 31.35 -7.99
CA ASP B 203 -19.97 31.73 -8.31
C ASP B 203 -20.85 30.50 -8.26
N VAL B 204 -21.76 30.39 -7.29
CA VAL B 204 -22.62 29.22 -7.17
C VAL B 204 -24.03 29.53 -7.72
N GLU B 205 -24.51 28.71 -8.69
CA GLU B 205 -25.84 28.85 -9.25
C GLU B 205 -26.87 28.39 -8.24
N VAL B 206 -27.87 29.23 -7.97
CA VAL B 206 -28.95 28.84 -7.08
C VAL B 206 -30.20 28.81 -7.95
N SER B 207 -31.38 29.00 -7.36
CA SER B 207 -32.62 29.13 -8.18
C SER B 207 -32.81 30.49 -8.86
N GLY B 208 -33.56 30.45 -9.97
CA GLY B 208 -33.97 31.67 -10.66
C GLY B 208 -32.88 32.23 -11.55
N GLY B 209 -31.99 31.36 -12.03
CA GLY B 209 -30.95 31.79 -12.97
C GLY B 209 -29.96 32.78 -12.36
N ALA B 210 -29.88 32.81 -11.03
CA ALA B 210 -28.97 33.71 -10.34
C ALA B 210 -27.77 32.91 -9.83
N SER B 211 -26.61 33.55 -9.82
CA SER B 211 -25.48 32.96 -9.12
C SER B 211 -25.25 33.83 -7.91
N VAL B 212 -24.67 33.22 -6.88
CA VAL B 212 -24.26 33.94 -5.70
C VAL B 212 -22.80 33.60 -5.42
N PRO B 213 -22.01 34.55 -4.89
CA PRO B 213 -20.61 34.22 -4.59
C PRO B 213 -20.58 33.39 -3.33
N GLN B 214 -19.66 32.44 -3.24
CA GLN B 214 -19.46 31.71 -2.00
C GLN B 214 -18.00 31.70 -1.76
N LEU B 215 -17.56 31.93 -0.54
CA LEU B 215 -16.09 31.92 -0.31
C LEU B 215 -15.64 30.47 -0.04
N ILE B 216 -14.74 29.96 -0.87
CA ILE B 216 -14.10 28.67 -0.71
C ILE B 216 -12.78 28.84 0.09
N VAL B 217 -12.58 28.02 1.11
CA VAL B 217 -11.30 27.85 1.82
C VAL B 217 -10.92 26.37 1.61
N PRO B 218 -10.03 26.14 0.62
CA PRO B 218 -9.73 24.77 0.25
C PRO B 218 -9.12 23.94 1.38
N TYR B 219 -9.43 22.64 1.37
CA TYR B 219 -8.98 21.68 2.37
C TYR B 219 -8.11 20.69 1.62
N THR B 220 -7.91 19.51 2.21
CA THR B 220 -6.84 18.66 1.82
C THR B 220 -7.20 17.22 2.02
N LEU B 221 -6.87 16.38 1.04
CA LEU B 221 -6.95 14.94 1.16
C LEU B 221 -5.55 14.27 1.15
N ASP B 222 -4.52 15.02 0.85
CA ASP B 222 -3.12 14.54 0.96
C ASP B 222 -2.49 14.86 2.32
N ALA B 223 -2.63 16.08 2.84
CA ALA B 223 -2.04 16.40 4.14
C ALA B 223 -3.07 16.06 5.23
N ASN B 224 -3.38 14.77 5.35
CA ASN B 224 -4.54 14.34 6.06
C ASN B 224 -4.29 12.94 6.60
N ASP B 225 -4.42 12.75 7.91
CA ASP B 225 -4.25 11.43 8.53
C ASP B 225 -5.21 10.36 7.98
N MET B 226 -6.21 10.75 7.20
CA MET B 226 -7.08 9.75 6.53
C MET B 226 -6.25 8.76 5.71
N ARG B 227 -5.06 9.18 5.28
CA ARG B 227 -4.22 8.35 4.44
C ARG B 227 -3.62 7.25 5.23
N PHE B 228 -3.72 7.28 6.56
CA PHE B 228 -3.40 6.06 7.33
C PHE B 228 -4.43 4.90 7.09
N ALA B 229 -5.61 5.21 6.56
CA ALA B 229 -6.69 4.25 6.40
C ALA B 229 -7.09 4.03 4.94
N THR B 230 -6.22 4.38 4.00
CA THR B 230 -6.51 4.31 2.58
C THR B 230 -5.43 3.42 1.96
N PRO B 231 -5.70 2.87 0.76
CA PRO B 231 -4.76 2.00 0.10
C PRO B 231 -3.34 2.60 -0.02
N GLN B 232 -3.22 3.82 -0.55
CA GLN B 232 -1.93 4.55 -0.58
C GLN B 232 -1.88 5.28 0.73
N GLY B 233 -0.98 4.79 1.64
CA GLY B 233 -1.12 5.06 3.09
C GLY B 233 0.11 5.16 3.99
N PHE B 234 0.41 6.36 4.47
CA PHE B 234 1.52 6.53 5.44
C PHE B 234 1.64 5.31 6.40
N ASN B 235 2.84 4.75 6.57
CA ASN B 235 3.03 3.49 7.28
C ASN B 235 3.33 3.81 8.75
N THR B 236 3.99 4.92 8.98
CA THR B 236 4.43 5.33 10.33
C THR B 236 4.18 6.80 10.61
N ALA B 237 4.34 7.19 11.88
CA ALA B 237 4.23 8.59 12.22
C ALA B 237 5.15 9.48 11.41
N ASP B 238 6.36 8.98 11.22
CA ASP B 238 7.34 9.74 10.51
C ASP B 238 6.96 9.97 9.04
N HIS B 239 6.27 9.02 8.41
CA HIS B 239 5.77 9.31 7.05
C HIS B 239 4.85 10.51 7.04
N PHE B 240 3.95 10.60 7.99
CA PHE B 240 2.98 11.70 8.01
C PHE B 240 3.63 13.01 8.39
N PHE B 241 4.46 12.97 9.43
CA PHE B 241 5.25 14.15 9.77
C PHE B 241 6.08 14.65 8.58
N HIS B 242 6.89 13.77 7.99
CA HIS B 242 7.69 14.18 6.84
C HIS B 242 6.89 14.79 5.68
N TYR B 243 5.70 14.23 5.40
CA TYR B 243 4.83 14.83 4.41
C TYR B 243 4.38 16.27 4.79
N LEU B 244 3.86 16.41 5.99
CA LEU B 244 3.47 17.73 6.53
C LEU B 244 4.65 18.69 6.53
N ARG B 245 5.79 18.18 7.01
CA ARG B 245 7.05 18.95 7.09
C ARG B 245 7.47 19.49 5.74
N ASP B 246 7.49 18.60 4.77
CA ASP B 246 7.80 18.96 3.42
C ASP B 246 6.80 19.94 2.76
N ALA B 247 5.51 19.70 2.91
CA ALA B 247 4.50 20.57 2.35
C ALA B 247 4.68 21.99 2.97
N PHE B 248 4.90 22.03 4.28
CA PHE B 248 5.07 23.29 4.98
C PHE B 248 6.29 24.00 4.47
N ASP B 249 7.39 23.25 4.35
CA ASP B 249 8.67 23.82 3.90
C ASP B 249 8.58 24.43 2.51
N VAL B 250 7.94 23.72 1.61
CA VAL B 250 7.71 24.23 0.24
C VAL B 250 6.86 25.52 0.27
N LEU B 251 5.77 25.50 1.04
CA LEU B 251 4.92 26.68 1.17
C LEU B 251 5.66 27.86 1.81
N TYR B 252 6.45 27.57 2.81
CA TYR B 252 7.15 28.61 3.57
C TYR B 252 8.13 29.33 2.69
N GLU B 253 8.81 28.58 1.85
CA GLU B 253 9.77 29.12 0.86
C GLU B 253 9.11 29.95 -0.21
N GLU B 254 7.87 29.63 -0.53
CA GLU B 254 7.08 30.40 -1.49
C GLU B 254 6.54 31.66 -0.88
N GLY B 255 6.43 31.66 0.44
CA GLY B 255 5.91 32.78 1.22
C GLY B 255 6.60 34.11 1.11
N ASP B 256 7.87 34.12 0.72
CA ASP B 256 8.57 35.41 0.48
C ASP B 256 8.14 36.08 -0.83
N GLU B 257 7.46 35.35 -1.71
CA GLU B 257 6.90 35.91 -2.97
C GLU B 257 5.38 35.95 -2.95
N ALA B 258 4.78 34.86 -2.49
CA ALA B 258 3.31 34.68 -2.51
C ALA B 258 2.84 33.68 -1.45
N PRO B 259 2.58 34.20 -0.26
CA PRO B 259 2.13 33.39 0.83
C PRO B 259 0.82 32.66 0.57
N LYS B 260 0.77 31.41 1.00
CA LYS B 260 -0.35 30.52 0.78
C LYS B 260 -0.81 30.06 2.15
N MET B 261 -1.76 29.13 2.17
CA MET B 261 -2.16 28.46 3.35
C MET B 261 -1.95 27.01 3.21
N MET B 262 -1.99 26.34 4.35
CA MET B 262 -1.88 24.92 4.42
C MET B 262 -2.93 24.39 5.40
N SER B 263 -3.64 23.36 5.02
CA SER B 263 -4.54 22.64 5.94
C SER B 263 -3.89 21.31 6.37
N ILE B 264 -4.16 20.95 7.61
CA ILE B 264 -3.90 19.65 8.13
C ILE B 264 -5.15 18.95 8.66
N GLY B 265 -5.47 17.83 8.02
CA GLY B 265 -6.63 17.01 8.38
C GLY B 265 -6.34 15.99 9.49
N MET B 266 -7.16 15.97 10.52
CA MET B 266 -6.93 15.05 11.66
C MET B 266 -8.25 14.37 12.03
N HIS B 267 -8.16 13.10 12.38
CA HIS B 267 -9.32 12.34 12.83
C HIS B 267 -8.96 11.74 14.18
N CYS B 268 -9.88 11.89 15.14
CA CYS B 268 -9.70 11.40 16.50
C CYS B 268 -9.28 9.94 16.54
N ARG B 269 -9.93 9.13 15.74
CA ARG B 269 -9.68 7.67 15.79
C ARG B 269 -8.40 7.20 15.06
N LEU B 270 -7.81 8.07 14.25
CA LEU B 270 -6.62 7.75 13.49
C LEU B 270 -5.42 8.38 14.14
N LEU B 271 -5.23 9.69 13.97
CA LEU B 271 -4.08 10.43 14.58
C LEU B 271 -4.01 10.35 16.10
N GLY B 272 -5.18 10.15 16.71
CA GLY B 272 -5.29 9.97 18.14
C GLY B 272 -4.59 8.74 18.67
N ARG B 273 -4.35 7.72 17.84
CA ARG B 273 -3.68 6.52 18.33
C ARG B 273 -2.24 6.87 18.69
N PRO B 274 -1.72 6.37 19.82
CA PRO B 274 -0.34 6.71 20.20
C PRO B 274 0.72 6.57 19.10
N GLY B 275 0.64 5.48 18.36
CA GLY B 275 1.62 5.21 17.32
C GLY B 275 1.61 6.21 16.21
N ARG B 276 0.49 6.85 15.96
CA ARG B 276 0.36 7.89 14.92
C ARG B 276 0.62 9.27 15.44
N PHE B 277 0.23 9.49 16.70
CA PHE B 277 0.20 10.80 17.33
C PHE B 277 1.54 11.56 17.35
N ARG B 278 2.67 10.84 17.40
CA ARG B 278 3.99 11.48 17.29
C ARG B 278 4.11 12.37 16.07
N ALA B 279 3.33 12.08 15.02
CA ALA B 279 3.44 12.87 13.80
C ALA B 279 3.03 14.34 14.05
N LEU B 280 1.98 14.51 14.87
CA LEU B 280 1.47 15.83 15.22
C LEU B 280 2.51 16.55 16.04
N GLN B 281 3.00 15.87 17.05
CA GLN B 281 3.99 16.45 17.95
C GLN B 281 5.18 16.92 17.16
N ARG B 282 5.72 16.07 16.31
CA ARG B 282 6.88 16.42 15.52
C ARG B 282 6.61 17.60 14.56
N PHE B 283 5.45 17.60 13.92
CA PHE B 283 5.14 18.67 12.99
C PHE B 283 4.99 20.01 13.73
N LEU B 284 4.37 19.97 14.91
CA LEU B 284 4.14 21.17 15.73
C LEU B 284 5.49 21.71 16.20
N ASP B 285 6.39 20.82 16.59
CA ASP B 285 7.76 21.24 16.94
C ASP B 285 8.47 21.90 15.75
N HIS B 286 8.25 21.35 14.56
CA HIS B 286 8.85 21.89 13.36
C HIS B 286 8.38 23.29 13.07
N ILE B 287 7.08 23.51 13.09
CA ILE B 287 6.55 24.83 12.69
C ILE B 287 6.87 25.88 13.79
N GLU B 288 6.96 25.45 15.05
CA GLU B 288 7.37 26.34 16.18
C GLU B 288 8.76 26.98 15.99
N ARG B 289 9.61 26.32 15.20
CA ARG B 289 10.94 26.83 14.93
C ARG B 289 10.92 27.91 13.84
N HIS B 290 9.75 28.21 13.32
CA HIS B 290 9.65 29.11 12.19
C HIS B 290 8.94 30.41 12.52
N ASP B 291 9.62 31.49 12.20
CA ASP B 291 9.08 32.81 12.22
C ASP B 291 7.96 32.92 11.21
N ARG B 292 7.05 33.85 11.45
CA ARG B 292 6.08 34.31 10.45
C ARG B 292 5.20 33.16 9.98
N VAL B 293 4.69 32.43 10.96
CA VAL B 293 3.67 31.43 10.73
C VAL B 293 2.45 31.85 11.52
N TRP B 294 1.32 31.91 10.83
CA TRP B 294 0.05 32.20 11.48
C TRP B 294 -0.69 30.90 11.62
N VAL B 295 -0.88 30.44 12.85
CA VAL B 295 -1.69 29.25 13.07
C VAL B 295 -3.09 29.72 13.38
N ALA B 296 -4.00 29.43 12.45
CA ALA B 296 -5.30 30.11 12.42
C ALA B 296 -6.51 29.17 12.47
N ARG B 297 -7.59 29.65 13.09
CA ARG B 297 -8.92 29.05 12.90
C ARG B 297 -9.33 29.28 11.45
N ARG B 298 -9.96 28.28 10.84
CA ARG B 298 -10.45 28.42 9.49
C ARG B 298 -11.24 29.72 9.25
N VAL B 299 -12.16 29.96 10.18
CA VAL B 299 -13.03 31.09 10.12
C VAL B 299 -12.23 32.39 10.14
N GLU B 300 -11.06 32.35 10.76
CA GLU B 300 -10.21 33.56 10.83
C GLU B 300 -9.57 33.81 9.46
N ILE B 301 -9.16 32.72 8.80
CA ILE B 301 -8.72 32.87 7.40
C ILE B 301 -9.85 33.43 6.51
N ALA B 302 -11.07 32.91 6.67
CA ALA B 302 -12.22 33.39 5.84
C ALA B 302 -12.53 34.84 6.09
N ARG B 303 -12.49 35.25 7.35
CA ARG B 303 -12.76 36.67 7.68
C ARG B 303 -11.66 37.56 7.12
N HIS B 304 -10.43 37.07 7.17
CA HIS B 304 -9.31 37.81 6.61
C HIS B 304 -9.56 38.00 5.09
N TRP B 305 -9.98 36.93 4.41
CA TRP B 305 -10.14 36.98 2.97
C TRP B 305 -11.27 37.92 2.56
N ARG B 306 -12.37 37.87 3.31
CA ARG B 306 -13.51 38.72 3.04
C ARG B 306 -13.18 40.16 3.24
N GLU B 307 -12.28 40.47 4.18
CA GLU B 307 -11.89 41.87 4.46
C GLU B 307 -10.86 42.37 3.41
N HIS B 308 -9.87 41.53 3.11
CA HIS B 308 -8.72 41.93 2.29
C HIS B 308 -8.88 41.60 0.80
N HIS B 309 -9.77 40.65 0.49
CA HIS B 309 -9.94 40.20 -0.86
C HIS B 309 -11.38 39.94 -1.12
N PRO B 310 -12.18 41.01 -1.13
CA PRO B 310 -13.58 40.81 -1.33
C PRO B 310 -13.91 40.30 -2.76
N TYR B 311 -15.13 39.79 -2.91
CA TYR B 311 -15.69 39.59 -4.27
C TYR B 311 -15.75 40.92 -5.08
N PHE C 7 11.60 -21.19 -32.85
CA PHE C 7 10.26 -21.24 -32.19
C PHE C 7 9.43 -20.01 -32.55
N ASP C 8 8.25 -20.25 -33.10
CA ASP C 8 7.23 -19.19 -33.29
C ASP C 8 7.80 -18.04 -34.11
N PRO C 9 8.35 -18.35 -35.30
CA PRO C 9 8.94 -17.32 -36.17
C PRO C 9 8.08 -16.05 -36.32
N ASN C 10 6.77 -16.21 -36.52
CA ASN C 10 5.82 -15.10 -36.71
C ASN C 10 5.51 -14.21 -35.44
N TYR C 11 5.92 -14.66 -34.26
CA TYR C 11 5.61 -13.95 -33.01
C TYR C 11 5.82 -12.43 -33.05
N PRO C 12 4.75 -11.64 -32.85
CA PRO C 12 4.82 -10.17 -32.97
C PRO C 12 5.21 -9.36 -31.71
N ARG C 13 6.10 -9.89 -30.88
CA ARG C 13 6.76 -9.15 -29.84
C ARG C 13 8.26 -9.37 -29.96
N ASP C 14 9.05 -8.33 -29.73
CA ASP C 14 10.51 -8.45 -29.72
C ASP C 14 10.93 -8.50 -28.23
N LEU C 15 11.11 -9.70 -27.72
CA LEU C 15 11.53 -9.93 -26.34
C LEU C 15 13.05 -9.71 -26.21
N ILE C 16 13.75 -9.66 -27.34
CA ILE C 16 15.24 -9.69 -27.34
C ILE C 16 15.82 -8.29 -27.32
N GLY C 17 15.33 -7.43 -28.20
CA GLY C 17 15.83 -6.05 -28.27
C GLY C 17 17.29 -6.04 -28.63
N TYR C 18 18.07 -5.27 -27.85
CA TYR C 18 19.50 -5.14 -28.11
C TYR C 18 20.29 -6.35 -27.63
N GLY C 19 19.65 -7.21 -26.83
CA GLY C 19 20.42 -8.29 -26.21
C GLY C 19 21.45 -7.72 -25.25
N ARG C 20 22.54 -8.43 -25.06
CA ARG C 20 23.43 -8.23 -23.93
C ARG C 20 24.33 -7.02 -24.07
N HIS C 21 24.62 -6.63 -25.30
CA HIS C 21 25.38 -5.42 -25.54
C HIS C 21 24.59 -4.42 -26.41
N PRO C 22 23.91 -3.45 -25.76
CA PRO C 22 23.28 -2.42 -26.56
C PRO C 22 24.24 -1.53 -27.31
N VAL C 23 23.69 -0.83 -28.29
CA VAL C 23 24.47 0.12 -29.06
C VAL C 23 24.88 1.32 -28.20
N GLN C 24 25.99 1.92 -28.62
CA GLN C 24 26.56 3.06 -27.91
C GLN C 24 25.70 4.26 -28.23
N ALA C 25 25.13 4.87 -27.20
CA ALA C 25 24.21 5.98 -27.42
C ALA C 25 24.93 7.23 -28.02
N ASN C 26 26.14 7.53 -27.55
CA ASN C 26 26.90 8.66 -28.01
C ASN C 26 26.19 9.97 -27.88
N TRP C 27 25.65 10.19 -26.69
CA TRP C 27 24.84 11.38 -26.39
C TRP C 27 25.76 12.60 -26.57
N PRO C 28 25.17 13.77 -26.87
CA PRO C 28 25.96 15.02 -26.88
C PRO C 28 26.66 15.20 -25.55
N GLY C 29 27.82 15.85 -25.58
CA GLY C 29 28.57 16.06 -24.36
C GLY C 29 29.17 14.83 -23.73
N ARG C 30 29.24 13.74 -24.49
CA ARG C 30 29.64 12.44 -23.97
C ARG C 30 28.83 12.14 -22.69
N ALA C 31 27.57 12.53 -22.68
CA ALA C 31 26.71 12.28 -21.50
C ALA C 31 26.71 10.79 -21.09
N ARG C 32 26.87 10.58 -19.80
CA ARG C 32 26.73 9.25 -19.22
C ARG C 32 25.26 8.80 -19.18
N VAL C 33 24.33 9.73 -19.09
CA VAL C 33 22.93 9.44 -19.05
C VAL C 33 22.15 10.64 -19.61
N ALA C 34 21.09 10.34 -20.36
CA ALA C 34 20.16 11.39 -20.86
C ALA C 34 18.93 11.34 -19.98
N VAL C 35 18.57 12.46 -19.39
CA VAL C 35 17.47 12.56 -18.43
C VAL C 35 16.37 13.32 -19.15
N GLN C 36 15.18 12.75 -19.14
CA GLN C 36 14.08 13.32 -19.88
C GLN C 36 12.86 13.48 -18.97
N PHE C 37 12.56 14.74 -18.57
CA PHE C 37 11.41 15.00 -17.71
C PHE C 37 10.18 15.20 -18.56
N VAL C 38 9.09 14.56 -18.12
CA VAL C 38 7.81 14.58 -18.77
C VAL C 38 6.79 15.21 -17.84
N LEU C 39 6.24 16.34 -18.28
CA LEU C 39 5.10 16.94 -17.56
C LEU C 39 3.79 16.61 -18.30
N ASN C 40 3.00 15.69 -17.72
CA ASN C 40 1.69 15.33 -18.30
C ASN C 40 0.75 16.48 -18.01
N TYR C 41 -0.05 16.84 -19.00
CA TYR C 41 -1.07 17.82 -18.78
C TYR C 41 -2.37 17.24 -19.24
N GLU C 42 -3.15 16.75 -18.26
CA GLU C 42 -4.40 16.07 -18.55
C GLU C 42 -5.63 16.73 -17.99
N GLU C 43 -5.43 17.66 -17.07
CA GLU C 43 -6.49 18.25 -16.28
C GLU C 43 -7.40 19.08 -17.16
N GLY C 44 -8.72 18.81 -17.10
CA GLY C 44 -9.69 19.32 -18.04
C GLY C 44 -10.03 18.38 -19.19
N GLY C 45 -9.30 17.27 -19.32
CA GLY C 45 -9.54 16.32 -20.40
C GLY C 45 -9.95 14.94 -19.88
N GLU C 46 -10.06 14.79 -18.58
CA GLU C 46 -10.26 13.50 -17.96
C GLU C 46 -11.70 13.08 -18.05
N ASN C 47 -12.06 11.96 -17.44
CA ASN C 47 -13.47 11.53 -17.58
C ASN C 47 -14.35 12.51 -16.81
N CYS C 48 -15.40 13.05 -17.45
CA CYS C 48 -16.32 13.93 -16.79
C CYS C 48 -17.62 13.97 -17.60
N VAL C 49 -18.78 13.93 -16.94
CA VAL C 49 -20.07 13.91 -17.67
C VAL C 49 -20.22 15.25 -18.43
N LEU C 50 -19.47 16.26 -18.00
CA LEU C 50 -19.41 17.54 -18.68
C LEU C 50 -18.74 17.38 -20.04
N HIS C 51 -17.83 16.40 -20.16
CA HIS C 51 -17.12 16.17 -21.43
C HIS C 51 -17.86 15.16 -22.32
N GLY C 52 -19.05 14.74 -21.91
CA GLY C 52 -19.82 13.73 -22.61
C GLY C 52 -19.47 12.29 -22.30
N ASP C 53 -18.64 12.09 -21.27
CA ASP C 53 -18.34 10.72 -20.78
C ASP C 53 -19.50 10.22 -19.93
N PRO C 54 -19.64 8.89 -19.80
CA PRO C 54 -20.64 8.24 -18.96
C PRO C 54 -20.52 8.54 -17.48
N ALA C 55 -19.28 8.69 -16.99
CA ALA C 55 -19.05 8.76 -15.56
C ALA C 55 -17.82 9.57 -15.18
N SER C 56 -17.72 9.83 -13.89
CA SER C 56 -16.65 10.61 -13.31
C SER C 56 -15.37 9.78 -13.28
N GLU C 57 -14.27 10.52 -13.24
CA GLU C 57 -12.94 9.96 -13.21
C GLU C 57 -12.65 9.17 -11.94
N GLN C 58 -11.95 8.08 -12.15
CA GLN C 58 -11.48 7.23 -11.05
C GLN C 58 -9.97 7.17 -10.84
N PHE C 59 -9.18 7.45 -11.87
CA PHE C 59 -7.73 7.13 -11.88
C PHE C 59 -6.90 8.37 -11.49
N LEU C 60 -5.73 8.13 -10.86
CA LEU C 60 -4.67 9.14 -10.62
C LEU C 60 -5.23 10.37 -9.86
N SER C 61 -5.81 10.09 -8.71
CA SER C 61 -6.28 11.19 -7.86
C SER C 61 -5.86 10.94 -6.43
N GLU C 62 -6.27 11.83 -5.54
CA GLU C 62 -6.08 11.66 -4.10
C GLU C 62 -7.01 10.59 -3.50
N ILE C 63 -8.09 10.25 -4.21
CA ILE C 63 -9.06 9.22 -3.74
C ILE C 63 -8.76 7.91 -4.51
N VAL C 64 -7.83 7.13 -3.99
CA VAL C 64 -7.38 5.90 -4.64
C VAL C 64 -8.45 4.83 -4.47
N GLY C 65 -8.87 4.22 -5.57
CA GLY C 65 -9.99 3.26 -5.54
C GLY C 65 -11.35 3.95 -5.63
N ALA C 66 -11.37 5.20 -6.09
CA ALA C 66 -12.62 5.91 -6.26
C ALA C 66 -13.62 5.14 -7.18
N ALA C 67 -14.90 5.24 -6.85
CA ALA C 67 -15.97 4.73 -7.73
C ALA C 67 -16.12 5.73 -8.85
N ALA C 68 -16.74 5.28 -9.93
CA ALA C 68 -17.20 6.17 -11.00
C ALA C 68 -18.66 6.44 -10.73
N TYR C 69 -19.11 7.69 -10.88
CA TYR C 69 -20.56 8.05 -10.80
C TYR C 69 -21.05 8.61 -12.13
N PRO C 70 -22.32 8.27 -12.52
CA PRO C 70 -22.95 8.82 -13.73
C PRO C 70 -23.46 10.23 -13.44
N ALA C 71 -22.53 11.04 -12.97
CA ALA C 71 -22.82 12.35 -12.45
C ALA C 71 -21.51 13.05 -12.14
N ARG C 72 -21.60 14.30 -11.67
CA ARG C 72 -20.38 15.01 -11.32
C ARG C 72 -19.93 14.56 -9.95
N HIS C 73 -18.62 14.34 -9.85
CA HIS C 73 -18.03 13.96 -8.58
C HIS C 73 -17.19 15.14 -8.19
N MET C 74 -17.68 15.96 -7.26
CA MET C 74 -17.01 17.24 -7.03
C MET C 74 -15.58 17.14 -6.46
N SER C 75 -15.34 16.22 -5.53
CA SER C 75 -13.99 16.02 -4.97
C SER C 75 -13.02 15.75 -6.10
N MET C 76 -13.43 14.90 -7.03
CA MET C 76 -12.56 14.47 -8.11
C MET C 76 -12.32 15.64 -9.07
N GLU C 77 -13.33 16.47 -9.28
CA GLU C 77 -13.17 17.60 -10.12
C GLU C 77 -12.20 18.60 -9.50
N SER C 78 -12.23 18.79 -8.18
CA SER C 78 -11.37 19.86 -7.61
C SER C 78 -9.96 19.39 -7.41
N ILE C 79 -9.79 18.08 -7.17
CA ILE C 79 -8.46 17.45 -7.17
C ILE C 79 -7.80 17.68 -8.55
N TYR C 80 -8.52 17.35 -9.63
CA TYR C 80 -8.05 17.63 -10.97
C TYR C 80 -7.77 19.14 -11.20
N GLU C 81 -8.65 20.04 -10.76
CA GLU C 81 -8.41 21.49 -10.89
C GLU C 81 -7.18 21.98 -10.13
N TYR C 82 -6.81 21.33 -9.03
CA TYR C 82 -5.53 21.71 -8.38
C TYR C 82 -4.35 21.69 -9.34
N GLY C 83 -4.37 20.70 -10.22
CA GLY C 83 -3.24 20.56 -11.16
C GLY C 83 -3.17 21.75 -12.09
N SER C 84 -4.30 22.20 -12.60
CA SER C 84 -4.31 23.31 -13.58
C SER C 84 -4.27 24.67 -12.92
N ARG C 85 -4.81 24.77 -11.71
CA ARG C 85 -4.81 26.06 -10.99
C ARG C 85 -3.51 26.41 -10.30
N ALA C 86 -2.81 25.40 -9.82
CA ALA C 86 -1.74 25.57 -8.85
C ALA C 86 -0.53 24.67 -9.12
N GLY C 87 -0.75 23.37 -9.25
CA GLY C 87 0.34 22.40 -9.31
C GLY C 87 1.27 22.67 -10.47
N VAL C 88 0.67 22.95 -11.62
CA VAL C 88 1.42 23.21 -12.86
C VAL C 88 2.40 24.35 -12.73
N TRP C 89 1.94 25.48 -12.22
CA TRP C 89 2.85 26.61 -12.03
C TRP C 89 4.01 26.34 -11.07
N ARG C 90 3.80 25.49 -10.06
CA ARG C 90 4.85 25.15 -9.12
C ARG C 90 5.96 24.35 -9.85
N ILE C 91 5.56 23.42 -10.71
CA ILE C 91 6.52 22.60 -11.46
C ILE C 91 7.25 23.47 -12.46
N LEU C 92 6.49 24.33 -13.12
CA LEU C 92 7.09 25.21 -14.14
C LEU C 92 8.08 26.22 -13.55
N ARG C 93 7.77 26.71 -12.36
CA ARG C 93 8.67 27.64 -11.66
C ARG C 93 10.04 27.00 -11.40
N GLU C 94 10.03 25.72 -10.99
CA GLU C 94 11.21 24.99 -10.63
C GLU C 94 12.13 24.78 -11.84
N PHE C 95 11.54 24.43 -12.98
CA PHE C 95 12.32 24.21 -14.19
C PHE C 95 12.88 25.54 -14.70
N ASP C 96 12.02 26.58 -14.71
CA ASP C 96 12.45 27.92 -15.06
C ASP C 96 13.65 28.40 -14.21
N LYS C 97 13.56 28.29 -12.87
CA LYS C 97 14.64 28.72 -11.95
C LYS C 97 15.96 28.04 -12.28
N ARG C 98 15.86 26.78 -12.68
CA ARG C 98 17.05 25.98 -12.98
C ARG C 98 17.49 26.02 -14.44
N GLY C 99 16.72 26.68 -15.29
CA GLY C 99 17.06 26.77 -16.72
C GLY C 99 17.00 25.44 -17.45
N LEU C 100 16.05 24.59 -17.09
CA LEU C 100 15.97 23.22 -17.58
C LEU C 100 14.74 23.05 -18.42
N PRO C 101 14.84 22.22 -19.46
CA PRO C 101 13.69 21.98 -20.31
C PRO C 101 12.93 20.69 -19.91
N LEU C 102 11.67 20.59 -20.35
CA LEU C 102 10.89 19.37 -20.21
C LEU C 102 10.07 19.17 -21.48
N THR C 103 9.44 18.00 -21.58
CA THR C 103 8.49 17.72 -22.64
C THR C 103 7.15 17.60 -21.97
N VAL C 104 6.17 18.34 -22.50
CA VAL C 104 4.81 18.22 -22.04
C VAL C 104 4.03 17.16 -22.81
N PHE C 105 3.43 16.23 -22.09
CA PHE C 105 2.56 15.24 -22.72
C PHE C 105 1.17 15.86 -22.57
N GLY C 106 0.77 16.62 -23.59
CA GLY C 106 -0.43 17.45 -23.54
C GLY C 106 -1.68 16.83 -24.09
N VAL C 107 -2.75 16.76 -23.28
CA VAL C 107 -4.04 16.25 -23.71
C VAL C 107 -4.80 17.37 -24.45
N GLY C 108 -5.25 17.05 -25.66
CA GLY C 108 -5.86 18.07 -26.51
C GLY C 108 -6.98 18.89 -25.87
N MET C 109 -7.93 18.19 -25.30
CA MET C 109 -9.00 18.86 -24.60
C MET C 109 -8.52 19.75 -23.42
N ALA C 110 -7.57 19.25 -22.63
CA ALA C 110 -6.99 20.04 -21.50
C ALA C 110 -6.31 21.32 -21.97
N ILE C 111 -5.48 21.17 -23.00
CA ILE C 111 -4.81 22.31 -23.71
C ILE C 111 -5.77 23.35 -24.21
N GLU C 112 -6.85 22.92 -24.85
CA GLU C 112 -7.88 23.88 -25.29
C GLU C 112 -8.58 24.66 -24.15
N ARG C 113 -8.72 24.04 -22.98
CA ARG C 113 -9.42 24.64 -21.84
C ARG C 113 -8.52 25.57 -21.06
N HIS C 114 -7.21 25.43 -21.21
CA HIS C 114 -6.26 26.43 -20.60
C HIS C 114 -5.24 26.95 -21.59
N PRO C 115 -5.70 27.76 -22.56
CA PRO C 115 -4.83 28.20 -23.66
C PRO C 115 -3.66 29.07 -23.23
N GLU C 116 -3.85 29.94 -22.24
CA GLU C 116 -2.74 30.71 -21.74
C GLU C 116 -1.65 29.83 -21.17
N LEU C 117 -2.03 28.77 -20.46
CA LEU C 117 -1.04 27.90 -19.90
C LEU C 117 -0.35 27.20 -21.03
N ALA C 118 -1.13 26.68 -21.97
CA ALA C 118 -0.54 25.97 -23.10
C ALA C 118 0.48 26.81 -23.83
N ARG C 119 0.17 28.08 -24.05
CA ARG C 119 1.12 29.00 -24.66
CA ARG C 119 1.12 28.99 -24.66
C ARG C 119 2.31 29.27 -23.75
N ALA C 120 2.07 29.25 -22.43
CA ALA C 120 3.18 29.44 -21.51
C ALA C 120 4.19 28.30 -21.71
N PHE C 121 3.72 27.04 -21.83
CA PHE C 121 4.62 25.90 -22.14
C PHE C 121 5.56 26.22 -23.31
N VAL C 122 5.00 26.78 -24.36
CA VAL C 122 5.78 27.11 -25.57
C VAL C 122 6.73 28.28 -25.30
N GLU C 123 6.25 29.31 -24.61
CA GLU C 123 7.08 30.49 -24.28
C GLU C 123 8.27 30.16 -23.37
N LEU C 124 8.10 29.16 -22.51
CA LEU C 124 9.16 28.61 -21.66
C LEU C 124 10.12 27.69 -22.39
N GLY C 125 9.84 27.40 -23.67
CA GLY C 125 10.77 26.67 -24.52
C GLY C 125 10.55 25.14 -24.46
N HIS C 126 9.53 24.69 -23.72
CA HIS C 126 9.26 23.24 -23.57
C HIS C 126 8.67 22.61 -24.83
N GLU C 127 8.91 21.32 -25.01
CA GLU C 127 8.24 20.61 -26.06
C GLU C 127 6.81 20.31 -25.68
N ILE C 128 5.91 20.37 -26.64
CA ILE C 128 4.61 19.76 -26.44
C ILE C 128 4.45 18.56 -27.36
N ALA C 129 4.27 17.38 -26.74
CA ALA C 129 3.91 16.14 -27.42
C ALA C 129 2.42 15.96 -27.21
N CYS C 130 1.80 15.18 -28.08
CA CYS C 130 0.39 14.90 -28.04
C CYS C 130 0.10 13.67 -27.21
N HIS C 131 -0.75 13.84 -26.20
CA HIS C 131 -1.16 12.81 -25.26
C HIS C 131 -2.60 12.47 -25.44
N GLY C 132 -3.12 12.55 -26.68
CA GLY C 132 -4.49 12.21 -26.95
C GLY C 132 -5.40 13.42 -26.91
N TRP C 133 -6.54 13.30 -27.55
CA TRP C 133 -7.56 14.33 -27.46
C TRP C 133 -8.15 14.30 -26.05
N ARG C 134 -8.23 13.09 -25.50
CA ARG C 134 -8.94 12.83 -24.27
C ARG C 134 -8.03 12.08 -23.33
N TRP C 135 -8.12 12.36 -22.04
CA TRP C 135 -7.41 11.46 -21.12
C TRP C 135 -8.38 10.40 -20.57
N ILE C 136 -8.55 9.34 -21.35
CA ILE C 136 -9.44 8.22 -21.03
C ILE C 136 -8.81 6.90 -21.42
N HIS C 137 -9.38 5.81 -20.94
CA HIS C 137 -8.89 4.49 -21.31
C HIS C 137 -9.24 4.20 -22.78
N TYR C 138 -8.25 3.91 -23.60
CA TYR C 138 -8.44 3.59 -25.04
C TYR C 138 -8.42 2.11 -25.38
N GLN C 139 -8.15 1.22 -24.41
CA GLN C 139 -8.04 -0.22 -24.67
C GLN C 139 -9.17 -0.78 -25.52
N ASP C 140 -10.41 -0.43 -25.17
CA ASP C 140 -11.58 -1.01 -25.81
C ASP C 140 -12.12 -0.21 -27.01
N MET C 141 -11.52 0.94 -27.31
CA MET C 141 -12.05 1.84 -28.37
C MET C 141 -11.78 1.27 -29.76
N THR C 142 -12.69 1.45 -30.71
CA THR C 142 -12.47 1.00 -32.08
C THR C 142 -11.46 1.90 -32.79
N PRO C 143 -10.75 1.38 -33.79
CA PRO C 143 -9.75 2.22 -34.42
C PRO C 143 -10.28 3.40 -35.25
N GLU C 144 -11.50 3.35 -35.78
CA GLU C 144 -12.14 4.52 -36.36
C GLU C 144 -12.29 5.64 -35.31
N ARG C 145 -12.87 5.31 -34.16
CA ARG C 145 -13.04 6.27 -33.05
C ARG C 145 -11.74 6.84 -32.55
N GLU C 146 -10.76 5.95 -32.34
CA GLU C 146 -9.44 6.34 -31.84
C GLU C 146 -8.66 7.20 -32.83
N ALA C 147 -8.76 6.90 -34.12
CA ALA C 147 -8.17 7.77 -35.15
C ALA C 147 -8.83 9.13 -35.19
N GLU C 148 -10.13 9.16 -34.96
CA GLU C 148 -10.79 10.50 -34.92
C GLU C 148 -10.26 11.35 -33.74
N HIS C 149 -10.10 10.74 -32.57
CA HIS C 149 -9.54 11.44 -31.40
C HIS C 149 -8.11 11.91 -31.65
N MET C 150 -7.32 11.10 -32.36
CA MET C 150 -5.97 11.49 -32.68
C MET C 150 -5.95 12.78 -33.52
N ARG C 151 -6.78 12.81 -34.54
CA ARG C 151 -6.97 14.00 -35.37
C ARG C 151 -7.36 15.22 -34.50
N LEU C 152 -8.33 15.04 -33.61
CA LEU C 152 -8.84 16.16 -32.81
C LEU C 152 -7.75 16.67 -31.85
N GLY C 153 -6.99 15.72 -31.29
CA GLY C 153 -5.95 16.07 -30.35
C GLY C 153 -4.85 16.90 -30.98
N MET C 154 -4.39 16.44 -32.16
CA MET C 154 -3.34 17.09 -32.88
C MET C 154 -3.77 18.48 -33.32
N GLU C 155 -5.00 18.56 -33.78
CA GLU C 155 -5.52 19.82 -34.30
C GLU C 155 -5.70 20.83 -33.17
N ALA C 156 -6.16 20.37 -32.02
CA ALA C 156 -6.39 21.26 -30.92
C ALA C 156 -5.07 21.87 -30.43
N ILE C 157 -4.07 21.00 -30.20
CA ILE C 157 -2.79 21.41 -29.74
C ILE C 157 -2.22 22.46 -30.69
N GLU C 158 -2.32 22.19 -31.99
CA GLU C 158 -1.69 23.01 -32.98
C GLU C 158 -2.43 24.39 -33.08
N ARG C 159 -3.75 24.36 -32.95
CA ARG C 159 -4.58 25.58 -33.01
C ARG C 159 -4.32 26.52 -31.82
N VAL C 160 -4.23 25.94 -30.65
CA VAL C 160 -3.95 26.69 -29.43
C VAL C 160 -2.51 27.26 -29.34
N THR C 161 -1.52 26.43 -29.67
CA THR C 161 -0.13 26.75 -29.36
C THR C 161 0.71 27.11 -30.59
N GLY C 162 0.25 26.77 -31.78
CA GLY C 162 1.05 26.93 -33.02
C GLY C 162 2.04 25.80 -33.30
N VAL C 163 2.18 24.85 -32.38
CA VAL C 163 3.14 23.76 -32.53
C VAL C 163 2.49 22.48 -33.00
N ARG C 164 3.14 21.81 -33.94
CA ARG C 164 2.72 20.50 -34.44
C ARG C 164 3.55 19.50 -33.63
N PRO C 165 2.88 18.74 -32.74
CA PRO C 165 3.57 17.78 -31.91
C PRO C 165 4.34 16.79 -32.79
N LEU C 166 5.56 16.46 -32.39
CA LEU C 166 6.33 15.46 -33.07
C LEU C 166 6.42 14.14 -32.32
N GLY C 167 5.78 14.07 -31.17
CA GLY C 167 5.81 12.91 -30.28
C GLY C 167 4.38 12.55 -29.93
N TRP C 168 4.12 11.25 -29.78
CA TRP C 168 2.82 10.69 -29.35
C TRP C 168 2.95 9.79 -28.09
N TYR C 169 2.09 10.05 -27.10
CA TYR C 169 1.89 9.16 -25.96
C TYR C 169 0.41 9.12 -25.56
N THR C 170 -0.23 7.97 -25.74
CA THR C 170 -1.58 7.78 -25.17
C THR C 170 -1.54 7.44 -23.70
N GLY C 171 -0.78 6.40 -23.38
CA GLY C 171 -0.75 5.81 -22.02
C GLY C 171 -1.58 4.57 -21.98
N ARG C 172 -2.84 4.74 -21.63
CA ARG C 172 -3.74 3.63 -21.60
C ARG C 172 -4.25 3.39 -23.01
N ASP C 173 -3.37 2.83 -23.82
CA ASP C 173 -3.53 2.73 -25.27
C ASP C 173 -4.33 1.52 -25.74
N SER C 174 -4.40 1.27 -27.05
CA SER C 174 -5.15 0.12 -27.55
C SER C 174 -4.20 -0.72 -28.34
N PRO C 175 -4.66 -1.90 -28.79
CA PRO C 175 -3.84 -2.73 -29.67
C PRO C 175 -3.56 -2.08 -31.05
N ASN C 176 -4.31 -1.02 -31.37
CA ASN C 176 -4.15 -0.29 -32.64
C ASN C 176 -3.36 1.05 -32.65
N THR C 177 -3.00 1.58 -31.49
CA THR C 177 -2.48 2.97 -31.42
C THR C 177 -1.12 3.10 -32.15
N HIS C 178 -0.24 2.09 -32.05
CA HIS C 178 1.06 2.17 -32.79
C HIS C 178 0.75 2.26 -34.27
N ARG C 179 -0.17 1.45 -34.74
CA ARG C 179 -0.51 1.50 -36.17
C ARG C 179 -1.16 2.87 -36.52
N LEU C 180 -2.01 3.37 -35.63
CA LEU C 180 -2.64 4.70 -35.87
C LEU C 180 -1.61 5.84 -35.95
N VAL C 181 -0.63 5.80 -35.07
CA VAL C 181 0.48 6.76 -35.13
C VAL C 181 1.26 6.64 -36.46
N ALA C 182 1.60 5.42 -36.88
CA ALA C 182 2.31 5.18 -38.16
C ALA C 182 1.53 5.67 -39.37
N GLU C 183 0.21 5.58 -39.27
CA GLU C 183 -0.65 5.83 -40.40
C GLU C 183 -0.94 7.31 -40.49
N TYR C 184 -0.89 7.98 -39.33
CA TYR C 184 -1.03 9.43 -39.26
C TYR C 184 0.14 10.14 -39.89
N GLY C 185 1.35 9.67 -39.63
CA GLY C 185 2.49 10.26 -40.32
C GLY C 185 3.01 11.47 -39.57
N GLY C 186 4.28 11.79 -39.85
CA GLY C 186 4.88 13.04 -39.35
C GLY C 186 5.45 12.99 -37.96
N PHE C 187 5.29 11.88 -37.22
CA PHE C 187 5.81 11.78 -35.85
C PHE C 187 7.25 11.32 -35.87
N LEU C 188 8.04 11.90 -34.97
CA LEU C 188 9.40 11.49 -34.81
C LEU C 188 9.53 10.43 -33.81
N TYR C 189 8.58 10.30 -32.89
CA TYR C 189 8.63 9.20 -31.95
C TYR C 189 7.26 8.95 -31.33
N ASP C 190 7.19 7.76 -30.78
CA ASP C 190 6.05 7.21 -30.01
C ASP C 190 6.61 6.73 -28.69
N SER C 191 5.97 7.09 -27.57
CA SER C 191 6.49 6.67 -26.27
C SER C 191 5.64 5.65 -25.54
N ASP C 192 4.70 5.03 -26.25
CA ASP C 192 3.83 4.02 -25.68
C ASP C 192 4.63 2.69 -25.58
N HIS C 193 5.61 2.65 -24.69
CA HIS C 193 6.46 1.45 -24.58
C HIS C 193 7.29 1.59 -23.32
N TYR C 194 7.37 0.51 -22.56
CA TYR C 194 8.09 0.50 -21.30
C TYR C 194 9.21 -0.55 -21.33
N GLY C 195 9.67 -0.91 -22.53
CA GLY C 195 10.49 -2.10 -22.75
C GLY C 195 12.00 -1.92 -22.81
N ASP C 196 12.52 -0.74 -22.51
CA ASP C 196 13.97 -0.57 -22.63
C ASP C 196 14.47 0.72 -21.99
N ASP C 197 15.80 0.80 -21.93
CA ASP C 197 16.52 1.96 -21.39
C ASP C 197 17.09 2.87 -22.48
N LEU C 198 16.79 2.54 -23.73
CA LEU C 198 17.26 3.28 -24.89
C LEU C 198 16.10 3.31 -25.92
N PRO C 199 16.11 4.33 -26.81
CA PRO C 199 15.22 4.26 -27.95
C PRO C 199 15.62 3.09 -28.82
N PHE C 200 14.70 2.66 -29.66
CA PHE C 200 14.95 1.65 -30.67
C PHE C 200 13.85 1.78 -31.73
N TRP C 201 14.02 1.10 -32.86
CA TRP C 201 13.04 1.14 -33.90
C TRP C 201 12.14 -0.08 -33.86
N MET C 202 10.85 0.14 -34.03
CA MET C 202 9.85 -0.93 -34.11
C MET C 202 9.28 -1.03 -35.51
N ASP C 203 9.09 -2.25 -36.05
CA ASP C 203 8.44 -2.40 -37.34
C ASP C 203 6.92 -2.43 -37.08
N VAL C 204 6.20 -1.40 -37.53
CA VAL C 204 4.75 -1.31 -37.26
C VAL C 204 3.95 -1.70 -38.52
N GLU C 205 3.11 -2.73 -38.42
CA GLU C 205 2.28 -3.16 -39.53
C GLU C 205 1.19 -2.16 -39.81
N VAL C 206 1.07 -1.73 -41.06
CA VAL C 206 -0.02 -0.85 -41.48
C VAL C 206 -0.88 -1.62 -42.50
N SER C 207 -1.62 -0.94 -43.39
CA SER C 207 -2.41 -1.63 -44.44
C SER C 207 -1.62 -2.15 -45.64
N GLY C 208 -2.14 -3.17 -46.30
CA GLY C 208 -1.52 -3.68 -47.54
C GLY C 208 -0.28 -4.51 -47.27
N GLY C 209 -0.23 -5.12 -46.10
CA GLY C 209 0.82 -6.09 -45.82
C GLY C 209 2.19 -5.43 -45.73
N ALA C 210 2.20 -4.14 -45.40
CA ALA C 210 3.42 -3.33 -45.33
C ALA C 210 3.70 -2.98 -43.87
N SER C 211 4.98 -3.02 -43.49
CA SER C 211 5.39 -2.49 -42.18
C SER C 211 6.12 -1.19 -42.45
N VAL C 212 6.07 -0.29 -41.49
CA VAL C 212 6.78 0.94 -41.57
C VAL C 212 7.58 1.06 -40.26
N PRO C 213 8.79 1.61 -40.32
CA PRO C 213 9.54 1.75 -39.07
C PRO C 213 8.98 2.91 -38.22
N GLN C 214 8.96 2.73 -36.90
CA GLN C 214 8.47 3.72 -35.95
C GLN C 214 9.51 3.84 -34.84
N LEU C 215 10.00 5.05 -34.57
CA LEU C 215 10.97 5.23 -33.50
C LEU C 215 10.23 5.25 -32.17
N ILE C 216 10.61 4.35 -31.27
CA ILE C 216 10.10 4.31 -29.92
C ILE C 216 11.14 5.00 -29.04
N VAL C 217 10.66 5.89 -28.18
CA VAL C 217 11.46 6.45 -27.07
C VAL C 217 10.70 6.02 -25.79
N PRO C 218 11.23 4.98 -25.13
CA PRO C 218 10.48 4.33 -24.05
C PRO C 218 10.23 5.28 -22.89
N TYR C 219 9.08 5.12 -22.24
CA TYR C 219 8.68 5.99 -21.10
C TYR C 219 8.72 5.11 -19.87
N THR C 220 8.07 5.54 -18.79
CA THR C 220 8.23 4.86 -17.54
C THR C 220 6.93 4.84 -16.77
N LEU C 221 6.66 3.71 -16.12
CA LEU C 221 5.56 3.61 -15.14
C LEU C 221 6.04 3.48 -13.68
N ASP C 222 7.33 3.21 -13.48
CA ASP C 222 7.92 3.12 -12.15
C ASP C 222 8.58 4.44 -11.68
N ALA C 223 9.36 5.13 -12.52
CA ALA C 223 9.95 6.43 -12.17
C ALA C 223 8.94 7.55 -12.49
N ASN C 224 7.79 7.52 -11.80
CA ASN C 224 6.61 8.25 -12.22
C ASN C 224 5.82 8.59 -10.97
N ASP C 225 5.47 9.86 -10.79
CA ASP C 225 4.68 10.26 -9.63
C ASP C 225 3.26 9.68 -9.64
N MET C 226 2.83 9.06 -10.75
CA MET C 226 1.53 8.34 -10.78
C MET C 226 1.50 7.32 -9.64
N ARG C 227 2.66 6.90 -9.17
CA ARG C 227 2.73 5.88 -8.13
CA ARG C 227 2.71 5.88 -8.15
C ARG C 227 2.37 6.44 -6.77
N PHE C 228 2.17 7.77 -6.65
CA PHE C 228 1.53 8.33 -5.46
C PHE C 228 0.02 8.02 -5.43
N ALA C 229 -0.55 7.60 -6.54
CA ALA C 229 -1.98 7.43 -6.63
C ALA C 229 -2.34 6.00 -6.97
N THR C 230 -1.41 5.04 -6.75
CA THR C 230 -1.64 3.63 -7.08
C THR C 230 -1.49 2.85 -5.77
N PRO C 231 -2.01 1.62 -5.71
CA PRO C 231 -1.95 0.91 -4.44
C PRO C 231 -0.49 0.68 -3.95
N GLN C 232 0.42 0.28 -4.84
CA GLN C 232 1.89 0.14 -4.53
C GLN C 232 2.53 1.46 -4.91
N GLY C 233 2.93 2.24 -3.88
CA GLY C 233 3.03 3.69 -4.08
C GLY C 233 3.66 4.56 -3.00
N PHE C 234 4.73 5.20 -3.42
CA PHE C 234 5.50 6.15 -2.61
C PHE C 234 4.62 6.91 -1.59
N ASN C 235 5.00 6.90 -0.31
CA ASN C 235 4.24 7.43 0.83
C ASN C 235 4.65 8.89 1.07
N THR C 236 5.88 9.21 0.73
CA THR C 236 6.41 10.57 0.95
C THR C 236 7.27 11.04 -0.22
N ALA C 237 7.63 12.31 -0.18
CA ALA C 237 8.51 12.88 -1.16
C ALA C 237 9.85 12.16 -1.26
N ASP C 238 10.39 11.77 -0.12
CA ASP C 238 11.63 11.09 -0.09
C ASP C 238 11.57 9.71 -0.76
N HIS C 239 10.47 8.96 -0.62
CA HIS C 239 10.35 7.75 -1.42
C HIS C 239 10.54 7.94 -2.92
N PHE C 240 9.88 8.93 -3.51
CA PHE C 240 10.01 9.23 -4.95
C PHE C 240 11.39 9.74 -5.30
N PHE C 241 11.92 10.66 -4.48
CA PHE C 241 13.28 11.14 -4.71
C PHE C 241 14.27 9.97 -4.66
N HIS C 242 14.19 9.13 -3.63
CA HIS C 242 15.17 8.07 -3.50
C HIS C 242 15.07 7.07 -4.62
N TYR C 243 13.85 6.79 -5.05
CA TYR C 243 13.66 5.92 -6.25
C TYR C 243 14.27 6.53 -7.49
N LEU C 244 13.97 7.80 -7.76
CA LEU C 244 14.63 8.51 -8.88
C LEU C 244 16.16 8.59 -8.79
N ARG C 245 16.62 8.91 -7.60
CA ARG C 245 18.09 8.99 -7.29
C ARG C 245 18.78 7.66 -7.60
N ASP C 246 18.17 6.57 -7.16
CA ASP C 246 18.76 5.24 -7.28
C ASP C 246 18.79 4.85 -8.75
N ALA C 247 17.68 5.12 -9.43
CA ALA C 247 17.53 4.78 -10.81
C ALA C 247 18.62 5.53 -11.59
N PHE C 248 18.82 6.78 -11.21
CA PHE C 248 19.78 7.62 -11.92
C PHE C 248 21.23 7.14 -11.61
N ASP C 249 21.46 6.81 -10.36
CA ASP C 249 22.79 6.36 -9.96
C ASP C 249 23.18 5.08 -10.70
N VAL C 250 22.25 4.13 -10.75
CA VAL C 250 22.48 2.91 -11.48
C VAL C 250 22.80 3.17 -12.97
N LEU C 251 21.97 3.94 -13.62
CA LEU C 251 22.23 4.27 -15.03
C LEU C 251 23.53 5.06 -15.25
N TYR C 252 23.78 6.01 -14.37
CA TYR C 252 24.98 6.82 -14.43
C TYR C 252 26.23 5.93 -14.32
N GLU C 253 26.22 4.94 -13.45
CA GLU C 253 27.33 3.98 -13.34
C GLU C 253 27.53 3.12 -14.59
N GLU C 254 26.45 2.85 -15.30
CA GLU C 254 26.48 2.05 -16.56
C GLU C 254 26.95 2.90 -17.69
N GLY C 255 26.73 4.19 -17.58
CA GLY C 255 27.10 5.14 -18.65
C GLY C 255 28.56 5.22 -19.04
N ASP C 256 29.45 4.66 -18.22
CA ASP C 256 30.87 4.47 -18.63
C ASP C 256 31.09 3.36 -19.68
N GLU C 257 30.13 2.45 -19.82
CA GLU C 257 30.24 1.34 -20.78
C GLU C 257 29.20 1.50 -21.87
N ALA C 258 28.02 1.96 -21.48
CA ALA C 258 26.86 1.99 -22.38
C ALA C 258 25.83 2.92 -21.81
N PRO C 259 25.95 4.19 -22.14
CA PRO C 259 25.03 5.20 -21.67
C PRO C 259 23.60 4.92 -22.10
N LYS C 260 22.64 5.13 -21.19
CA LYS C 260 21.25 4.93 -21.47
C LYS C 260 20.49 6.25 -21.20
N MET C 261 19.15 6.18 -21.27
CA MET C 261 18.28 7.25 -20.87
C MET C 261 17.42 6.90 -19.67
N MET C 262 16.89 7.95 -19.06
CA MET C 262 15.97 7.83 -18.00
C MET C 262 14.80 8.77 -18.24
N SER C 263 13.59 8.28 -18.07
CA SER C 263 12.38 9.16 -18.08
C SER C 263 11.90 9.44 -16.67
N ILE C 264 11.40 10.65 -16.42
CA ILE C 264 10.73 10.96 -15.18
C ILE C 264 9.33 11.49 -15.50
N GLY C 265 8.33 10.75 -15.03
CA GLY C 265 6.94 11.10 -15.24
C GLY C 265 6.41 12.04 -14.16
N MET C 266 5.73 13.11 -14.55
CA MET C 266 5.21 14.10 -13.59
C MET C 266 3.78 14.47 -13.92
N HIS C 267 2.96 14.65 -12.89
CA HIS C 267 1.56 15.06 -13.05
C HIS C 267 1.32 16.28 -12.20
N CYS C 268 0.71 17.27 -12.81
CA CYS C 268 0.37 18.54 -12.16
C CYS C 268 -0.32 18.40 -10.83
N ARG C 269 -1.32 17.51 -10.82
CA ARG C 269 -2.18 17.28 -9.65
C ARG C 269 -1.54 16.38 -8.56
N LEU C 270 -0.45 15.69 -8.88
CA LEU C 270 0.25 14.86 -7.98
C LEU C 270 1.50 15.56 -7.46
N LEU C 271 2.57 15.52 -8.24
CA LEU C 271 3.84 16.13 -7.88
C LEU C 271 3.71 17.60 -7.54
N GLY C 272 2.71 18.28 -8.12
CA GLY C 272 2.54 19.71 -7.83
C GLY C 272 2.09 20.03 -6.42
N ARG C 273 1.52 19.04 -5.73
CA ARG C 273 1.25 19.19 -4.30
C ARG C 273 2.53 19.45 -3.52
N PRO C 274 2.51 20.48 -2.65
CA PRO C 274 3.69 20.88 -1.85
C PRO C 274 4.37 19.73 -1.14
N GLY C 275 3.56 18.88 -0.53
CA GLY C 275 4.06 17.71 0.15
C GLY C 275 4.85 16.74 -0.71
N ARG C 276 4.51 16.67 -1.98
CA ARG C 276 5.23 15.78 -2.90
C ARG C 276 6.37 16.48 -3.61
N PHE C 277 6.17 17.77 -3.84
CA PHE C 277 7.04 18.55 -4.72
C PHE C 277 8.52 18.53 -4.36
N ARG C 278 8.81 18.40 -3.06
CA ARG C 278 10.19 18.31 -2.58
C ARG C 278 10.99 17.20 -3.26
N ALA C 279 10.29 16.15 -3.72
CA ALA C 279 10.93 15.04 -4.42
C ALA C 279 11.56 15.54 -5.68
N LEU C 280 10.92 16.49 -6.37
CA LEU C 280 11.50 17.01 -7.63
C LEU C 280 12.72 17.84 -7.34
N GLN C 281 12.58 18.71 -6.35
CA GLN C 281 13.66 19.62 -5.95
C GLN C 281 14.86 18.81 -5.51
N ARG C 282 14.65 17.79 -4.72
CA ARG C 282 15.79 17.01 -4.22
C ARG C 282 16.46 16.24 -5.37
N PHE C 283 15.68 15.71 -6.31
CA PHE C 283 16.23 14.97 -7.42
C PHE C 283 17.07 15.86 -8.32
N LEU C 284 16.56 17.06 -8.62
CA LEU C 284 17.24 18.00 -9.47
C LEU C 284 18.57 18.41 -8.83
N ASP C 285 18.53 18.64 -7.53
CA ASP C 285 19.76 18.90 -6.78
C ASP C 285 20.78 17.76 -6.90
N HIS C 286 20.30 16.52 -6.86
CA HIS C 286 21.19 15.35 -7.01
C HIS C 286 21.84 15.35 -8.39
N ILE C 287 21.06 15.58 -9.44
CA ILE C 287 21.57 15.39 -10.79
C ILE C 287 22.47 16.55 -11.15
N GLU C 288 22.24 17.71 -10.53
CA GLU C 288 23.10 18.92 -10.66
C GLU C 288 24.55 18.74 -10.24
N ARG C 289 24.79 17.80 -9.34
CA ARG C 289 26.12 17.54 -8.84
C ARG C 289 26.91 16.58 -9.71
N HIS C 290 26.28 16.08 -10.77
CA HIS C 290 26.89 15.10 -11.64
C HIS C 290 27.25 15.69 -12.97
N ASP C 291 28.52 15.47 -13.34
CA ASP C 291 29.05 15.74 -14.66
C ASP C 291 28.34 14.92 -15.72
N ARG C 292 28.38 15.35 -16.97
CA ARG C 292 28.03 14.46 -18.09
C ARG C 292 26.60 13.90 -18.02
N VAL C 293 25.68 14.80 -17.71
CA VAL C 293 24.28 14.54 -17.75
C VAL C 293 23.67 15.46 -18.80
N TRP C 294 22.92 14.84 -19.70
CA TRP C 294 22.18 15.58 -20.71
C TRP C 294 20.72 15.63 -20.30
N VAL C 295 20.27 16.81 -19.89
CA VAL C 295 18.85 16.97 -19.58
C VAL C 295 18.21 17.46 -20.83
N ALA C 296 17.42 16.58 -21.44
CA ALA C 296 16.96 16.71 -22.83
C ALA C 296 15.43 16.82 -22.94
N ARG C 297 14.94 17.53 -23.96
CA ARG C 297 13.57 17.37 -24.47
C ARG C 297 13.50 16.02 -25.17
N ARG C 298 12.34 15.36 -25.07
CA ARG C 298 12.13 14.05 -25.63
C ARG C 298 12.36 14.11 -27.15
N VAL C 299 11.95 15.20 -27.81
CA VAL C 299 12.15 15.34 -29.25
C VAL C 299 13.64 15.41 -29.56
N GLU C 300 14.44 15.92 -28.61
CA GLU C 300 15.89 16.02 -28.83
C GLU C 300 16.56 14.63 -28.81
N ILE C 301 16.11 13.77 -27.91
CA ILE C 301 16.57 12.37 -27.90
C ILE C 301 16.18 11.60 -29.21
N ALA C 302 14.98 11.91 -29.70
CA ALA C 302 14.47 11.25 -30.92
C ALA C 302 15.26 11.69 -32.14
N ARG C 303 15.52 13.00 -32.19
CA ARG C 303 16.32 13.56 -33.28
C ARG C 303 17.75 13.00 -33.22
N HIS C 304 18.26 12.88 -32.01
CA HIS C 304 19.56 12.30 -31.82
C HIS C 304 19.63 10.85 -32.36
N TRP C 305 18.66 10.05 -32.01
CA TRP C 305 18.65 8.65 -32.43
C TRP C 305 18.51 8.55 -33.93
N ARG C 306 17.63 9.37 -34.51
CA ARG C 306 17.42 9.32 -35.95
C ARG C 306 18.69 9.67 -36.68
N GLU C 307 19.44 10.63 -36.17
CA GLU C 307 20.68 11.03 -36.82
C GLU C 307 21.79 10.01 -36.60
N HIS C 308 21.97 9.54 -35.36
CA HIS C 308 23.08 8.65 -35.05
C HIS C 308 22.80 7.15 -35.14
N HIS C 309 21.53 6.75 -35.14
CA HIS C 309 21.16 5.33 -35.09
C HIS C 309 19.98 5.14 -35.97
N PRO C 310 20.19 5.39 -37.29
CA PRO C 310 19.10 5.24 -38.22
C PRO C 310 18.57 3.84 -38.27
N TYR C 311 17.35 3.75 -38.78
CA TYR C 311 16.66 2.48 -38.90
C TYR C 311 17.54 1.42 -39.53
N ARG C 312 17.62 0.26 -38.86
CA ARG C 312 18.50 -0.85 -39.20
C ARG C 312 17.64 -2.05 -39.56
N PHE D 7 -5.56 -36.48 17.86
CA PHE D 7 -6.48 -35.62 17.07
C PHE D 7 -6.14 -35.68 15.59
N ASP D 8 -7.13 -36.05 14.78
CA ASP D 8 -7.02 -36.03 13.31
C ASP D 8 -5.75 -36.72 12.82
N PRO D 9 -5.62 -38.03 13.15
CA PRO D 9 -4.41 -38.76 12.82
C PRO D 9 -4.08 -38.73 11.32
N ASN D 10 -5.11 -38.77 10.47
CA ASN D 10 -4.93 -38.76 9.01
C ASN D 10 -4.65 -37.40 8.34
N TYR D 11 -4.54 -36.32 9.13
CA TYR D 11 -4.43 -34.95 8.58
C TYR D 11 -3.22 -34.78 7.65
N PRO D 12 -3.44 -34.38 6.39
CA PRO D 12 -2.34 -34.39 5.40
C PRO D 12 -1.45 -33.13 5.30
N ARG D 13 -1.23 -32.46 6.43
CA ARG D 13 -0.37 -31.31 6.51
C ARG D 13 0.52 -31.57 7.71
N ASP D 14 1.80 -31.28 7.55
CA ASP D 14 2.76 -31.33 8.64
C ASP D 14 2.95 -29.93 9.20
N LEU D 15 2.29 -29.63 10.30
CA LEU D 15 2.40 -28.30 10.97
C LEU D 15 3.59 -28.24 11.93
N ILE D 16 4.20 -29.38 12.21
CA ILE D 16 5.21 -29.50 13.28
C ILE D 16 6.64 -29.37 12.72
N GLY D 17 6.92 -30.05 11.62
CA GLY D 17 8.21 -29.92 10.96
C GLY D 17 9.26 -30.48 11.89
N TYR D 18 10.35 -29.73 12.06
CA TYR D 18 11.47 -30.11 12.91
C TYR D 18 11.20 -29.91 14.41
N GLY D 19 10.11 -29.22 14.72
CA GLY D 19 9.84 -28.80 16.08
C GLY D 19 10.88 -27.79 16.53
N ARG D 20 11.06 -27.74 17.83
CA ARG D 20 11.91 -26.74 18.50
C ARG D 20 13.37 -26.67 18.09
N HIS D 21 13.94 -27.85 17.88
CA HIS D 21 15.36 -27.96 17.62
C HIS D 21 15.57 -28.65 16.28
N PRO D 22 15.79 -27.85 15.19
CA PRO D 22 15.99 -28.41 13.88
C PRO D 22 17.28 -29.17 13.82
N VAL D 23 17.45 -29.99 12.77
CA VAL D 23 18.71 -30.70 12.56
C VAL D 23 19.79 -29.70 12.16
N GLN D 24 21.04 -30.06 12.47
CA GLN D 24 22.20 -29.27 12.13
C GLN D 24 22.45 -29.39 10.64
N ALA D 25 22.42 -28.26 9.96
CA ALA D 25 22.56 -28.27 8.51
C ALA D 25 23.96 -28.74 8.10
N ASN D 26 24.99 -28.38 8.86
CA ASN D 26 26.38 -28.70 8.55
C ASN D 26 26.77 -28.26 7.13
N TRP D 27 26.44 -27.02 6.79
CA TRP D 27 26.75 -26.45 5.47
C TRP D 27 28.26 -26.53 5.20
N PRO D 28 28.65 -26.59 3.92
CA PRO D 28 30.08 -26.53 3.56
C PRO D 28 30.71 -25.27 4.14
N GLY D 29 31.97 -25.36 4.53
CA GLY D 29 32.66 -24.22 5.09
C GLY D 29 32.13 -23.71 6.44
N ARG D 30 31.44 -24.58 7.19
CA ARG D 30 30.84 -24.22 8.51
C ARG D 30 29.98 -23.00 8.36
N ALA D 31 29.30 -22.90 7.22
CA ALA D 31 28.52 -21.71 6.89
C ALA D 31 27.44 -21.51 7.93
N ARG D 32 27.26 -20.26 8.36
CA ARG D 32 26.21 -19.92 9.25
C ARG D 32 24.87 -19.78 8.56
N VAL D 33 24.88 -19.42 7.29
CA VAL D 33 23.66 -19.35 6.51
C VAL D 33 23.97 -19.75 5.06
N ALA D 34 23.05 -20.48 4.41
CA ALA D 34 23.12 -20.74 2.97
C ALA D 34 22.18 -19.75 2.26
N VAL D 35 22.71 -19.01 1.32
CA VAL D 35 21.96 -17.95 0.65
C VAL D 35 21.78 -18.39 -0.79
N GLN D 36 20.54 -18.35 -1.27
CA GLN D 36 20.16 -18.99 -2.49
C GLN D 36 19.35 -17.96 -3.31
N PHE D 37 19.99 -17.36 -4.30
CA PHE D 37 19.32 -16.37 -5.12
C PHE D 37 18.59 -17.10 -6.26
N VAL D 38 17.32 -16.75 -6.49
CA VAL D 38 16.52 -17.27 -7.54
C VAL D 38 16.23 -16.13 -8.57
N LEU D 39 16.59 -16.38 -9.84
CA LEU D 39 16.21 -15.49 -10.94
C LEU D 39 15.06 -16.09 -11.70
N ASN D 40 13.87 -15.54 -11.51
CA ASN D 40 12.75 -16.05 -12.30
C ASN D 40 12.89 -15.56 -13.72
N TYR D 41 12.63 -16.42 -14.68
CA TYR D 41 12.57 -15.97 -16.07
C TYR D 41 11.25 -16.47 -16.62
N GLU D 42 10.27 -15.58 -16.67
CA GLU D 42 8.91 -15.88 -17.13
C GLU D 42 8.50 -15.12 -18.39
N GLU D 43 9.25 -14.06 -18.69
CA GLU D 43 8.85 -13.14 -19.71
C GLU D 43 8.84 -13.81 -21.08
N GLY D 44 7.70 -13.75 -21.78
CA GLY D 44 7.41 -14.51 -23.00
C GLY D 44 6.53 -15.71 -22.78
N GLY D 45 6.33 -16.06 -21.50
CA GLY D 45 5.49 -17.21 -21.18
C GLY D 45 4.21 -16.89 -20.44
N GLU D 46 3.99 -15.61 -20.15
CA GLU D 46 2.89 -15.11 -19.32
C GLU D 46 1.57 -15.16 -20.07
N ASN D 47 0.50 -14.75 -19.42
CA ASN D 47 -0.79 -14.71 -20.13
C ASN D 47 -0.75 -13.72 -21.29
N CYS D 48 -1.17 -14.18 -22.45
CA CYS D 48 -1.20 -13.34 -23.67
C CYS D 48 -2.02 -14.04 -24.73
N VAL D 49 -2.88 -13.31 -25.42
CA VAL D 49 -3.74 -13.97 -26.42
C VAL D 49 -2.88 -14.62 -27.54
N LEU D 50 -1.71 -14.04 -27.78
CA LEU D 50 -0.71 -14.60 -28.68
C LEU D 50 -0.28 -16.03 -28.31
N HIS D 51 -0.34 -16.39 -27.04
CA HIS D 51 -0.03 -17.74 -26.59
C HIS D 51 -1.23 -18.65 -26.54
N GLY D 52 -2.38 -18.17 -26.97
CA GLY D 52 -3.62 -18.94 -26.94
C GLY D 52 -4.36 -18.85 -25.62
N ASP D 53 -3.97 -17.90 -24.77
CA ASP D 53 -4.68 -17.68 -23.52
C ASP D 53 -5.88 -16.80 -23.82
N PRO D 54 -6.90 -16.84 -22.96
CA PRO D 54 -8.11 -16.06 -23.19
C PRO D 54 -7.91 -14.57 -23.02
N ALA D 55 -6.91 -14.17 -22.23
CA ALA D 55 -6.76 -12.76 -21.85
C ALA D 55 -5.33 -12.34 -21.50
N SER D 56 -5.14 -11.02 -21.37
CA SER D 56 -3.83 -10.42 -21.05
C SER D 56 -3.45 -10.64 -19.60
N GLU D 57 -2.15 -10.52 -19.35
CA GLU D 57 -1.63 -10.75 -18.03
C GLU D 57 -2.03 -9.69 -17.00
N GLN D 58 -2.27 -10.12 -15.78
CA GLN D 58 -2.58 -9.15 -14.72
C GLN D 58 -1.57 -9.03 -13.62
N PHE D 59 -0.71 -10.04 -13.46
CA PHE D 59 0.04 -10.23 -12.21
C PHE D 59 1.48 -9.76 -12.39
N LEU D 60 2.05 -9.17 -11.34
CA LEU D 60 3.49 -8.85 -11.27
C LEU D 60 3.93 -7.91 -12.40
N SER D 61 3.32 -6.75 -12.39
CA SER D 61 3.67 -5.72 -13.34
C SER D 61 3.72 -4.39 -12.63
N GLU D 62 4.00 -3.36 -13.41
CA GLU D 62 4.04 -2.02 -12.90
C GLU D 62 2.62 -1.47 -12.73
N ILE D 63 1.64 -2.17 -13.30
CA ILE D 63 0.24 -1.75 -13.23
C ILE D 63 -0.45 -2.64 -12.19
N VAL D 64 -0.31 -2.28 -10.94
CA VAL D 64 -0.86 -3.07 -9.85
C VAL D 64 -2.39 -3.00 -9.84
N GLY D 65 -3.03 -4.15 -10.02
CA GLY D 65 -4.47 -4.20 -10.10
C GLY D 65 -5.00 -4.12 -11.51
N ALA D 66 -4.13 -4.40 -12.49
CA ALA D 66 -4.52 -4.40 -13.90
C ALA D 66 -5.71 -5.30 -14.22
N ALA D 67 -6.53 -4.84 -15.16
CA ALA D 67 -7.63 -5.67 -15.67
C ALA D 67 -7.01 -6.66 -16.64
N ALA D 68 -7.74 -7.75 -16.92
CA ALA D 68 -7.42 -8.67 -18.01
C ALA D 68 -8.33 -8.32 -19.17
N TYR D 69 -7.78 -8.27 -20.38
CA TYR D 69 -8.56 -8.01 -21.61
C TYR D 69 -8.48 -9.20 -22.55
N PRO D 70 -9.57 -9.51 -23.30
CA PRO D 70 -9.58 -10.59 -24.28
C PRO D 70 -8.93 -10.08 -25.57
N ALA D 71 -7.72 -9.57 -25.43
CA ALA D 71 -7.03 -8.83 -26.49
C ALA D 71 -5.61 -8.63 -26.06
N ARG D 72 -4.81 -8.00 -26.89
CA ARG D 72 -3.48 -7.64 -26.46
C ARG D 72 -3.53 -6.34 -25.68
N HIS D 73 -2.81 -6.34 -24.56
CA HIS D 73 -2.65 -5.14 -23.70
C HIS D 73 -1.23 -4.74 -23.85
N MET D 74 -1.00 -3.66 -24.60
CA MET D 74 0.36 -3.31 -25.01
C MET D 74 1.25 -2.85 -23.83
N SER D 75 0.69 -2.10 -22.89
CA SER D 75 1.49 -1.64 -21.73
C SER D 75 2.06 -2.85 -21.01
N MET D 76 1.21 -3.85 -20.87
CA MET D 76 1.55 -5.04 -20.12
C MET D 76 2.62 -5.84 -20.87
N GLU D 77 2.49 -5.91 -22.18
CA GLU D 77 3.49 -6.58 -23.01
C GLU D 77 4.84 -5.91 -22.95
N SER D 78 4.91 -4.58 -22.91
CA SER D 78 6.24 -3.94 -22.99
C SER D 78 6.87 -3.88 -21.64
N ILE D 79 6.05 -3.76 -20.57
CA ILE D 79 6.49 -4.07 -19.22
C ILE D 79 7.17 -5.46 -19.12
N TYR D 80 6.53 -6.52 -19.60
CA TYR D 80 7.17 -7.87 -19.58
C TYR D 80 8.43 -7.87 -20.48
N GLU D 81 8.36 -7.19 -21.63
CA GLU D 81 9.51 -7.15 -22.54
C GLU D 81 10.74 -6.47 -21.93
N TYR D 82 10.52 -5.50 -21.04
CA TYR D 82 11.66 -4.96 -20.31
C TYR D 82 12.54 -6.00 -19.65
N GLY D 83 11.91 -7.00 -19.05
CA GLY D 83 12.61 -8.03 -18.30
C GLY D 83 13.55 -8.84 -19.21
N SER D 84 13.07 -9.23 -20.40
CA SER D 84 13.86 -10.00 -21.32
C SER D 84 14.85 -9.17 -22.14
N ARG D 85 14.51 -7.91 -22.40
CA ARG D 85 15.36 -7.02 -23.17
C ARG D 85 16.52 -6.41 -22.39
N ALA D 86 16.26 -6.06 -21.13
CA ALA D 86 17.10 -5.15 -20.33
C ALA D 86 17.35 -5.62 -18.93
N GLY D 87 16.28 -5.86 -18.19
CA GLY D 87 16.35 -6.20 -16.76
C GLY D 87 17.22 -7.41 -16.50
N VAL D 88 17.00 -8.49 -17.29
CA VAL D 88 17.77 -9.75 -17.13
C VAL D 88 19.27 -9.52 -17.20
N TRP D 89 19.70 -8.73 -18.19
CA TRP D 89 21.15 -8.50 -18.37
C TRP D 89 21.77 -7.71 -17.23
N ARG D 90 21.00 -6.81 -16.67
CA ARG D 90 21.47 -6.02 -15.57
C ARG D 90 21.74 -6.90 -14.33
N ILE D 91 20.85 -7.85 -14.09
CA ILE D 91 21.01 -8.78 -12.97
C ILE D 91 22.22 -9.71 -13.22
N LEU D 92 22.27 -10.26 -14.43
CA LEU D 92 23.36 -11.18 -14.79
C LEU D 92 24.73 -10.52 -14.71
N ARG D 93 24.80 -9.25 -15.15
CA ARG D 93 26.08 -8.52 -15.03
C ARG D 93 26.60 -8.43 -13.60
N GLU D 94 25.66 -8.19 -12.67
CA GLU D 94 26.01 -7.99 -11.28
C GLU D 94 26.51 -9.26 -10.65
N PHE D 95 25.89 -10.38 -11.00
CA PHE D 95 26.33 -11.66 -10.48
C PHE D 95 27.68 -12.05 -11.08
N ASP D 96 27.84 -11.83 -12.38
CA ASP D 96 29.08 -12.11 -13.02
C ASP D 96 30.25 -11.30 -12.45
N LYS D 97 30.06 -10.00 -12.29
CA LYS D 97 31.10 -9.10 -11.75
C LYS D 97 31.55 -9.56 -10.35
N ARG D 98 30.64 -10.13 -9.57
CA ARG D 98 30.94 -10.66 -8.22
C ARG D 98 31.33 -12.15 -8.15
N GLY D 99 31.27 -12.84 -9.27
CA GLY D 99 31.59 -14.29 -9.32
C GLY D 99 30.66 -15.15 -8.47
N LEU D 100 29.36 -14.82 -8.54
CA LEU D 100 28.37 -15.47 -7.68
C LEU D 100 27.38 -16.24 -8.55
N PRO D 101 26.94 -17.42 -8.10
CA PRO D 101 25.96 -18.22 -8.84
C PRO D 101 24.51 -17.94 -8.42
N LEU D 102 23.59 -18.32 -9.28
CA LEU D 102 22.18 -18.26 -8.98
C LEU D 102 21.48 -19.42 -9.65
N THR D 103 20.21 -19.61 -9.27
CA THR D 103 19.34 -20.58 -9.90
C THR D 103 18.24 -19.84 -10.59
N VAL D 104 18.13 -20.13 -11.89
CA VAL D 104 17.08 -19.64 -12.70
C VAL D 104 15.86 -20.54 -12.63
N PHE D 105 14.73 -19.94 -12.28
CA PHE D 105 13.49 -20.66 -12.36
C PHE D 105 12.98 -20.28 -13.75
N GLY D 106 13.20 -21.16 -14.72
CA GLY D 106 12.91 -20.86 -16.11
C GLY D 106 11.60 -21.41 -16.60
N VAL D 107 10.77 -20.53 -17.17
CA VAL D 107 9.51 -20.95 -17.74
C VAL D 107 9.85 -21.44 -19.18
N GLY D 108 9.34 -22.61 -19.53
CA GLY D 108 9.72 -23.30 -20.77
C GLY D 108 9.43 -22.45 -22.00
N MET D 109 8.21 -21.92 -22.09
CA MET D 109 7.91 -21.10 -23.21
C MET D 109 8.80 -19.86 -23.27
N ALA D 110 8.98 -19.18 -22.14
CA ALA D 110 9.93 -18.06 -22.08
C ALA D 110 11.35 -18.42 -22.60
N ILE D 111 11.92 -19.51 -22.08
CA ILE D 111 13.19 -20.04 -22.52
C ILE D 111 13.27 -20.33 -24.02
N GLU D 112 12.21 -20.85 -24.63
CA GLU D 112 12.21 -21.07 -26.09
C GLU D 112 12.21 -19.78 -26.86
N ARG D 113 11.62 -18.70 -26.30
CA ARG D 113 11.44 -17.49 -27.08
C ARG D 113 12.76 -16.71 -27.09
N HIS D 114 13.61 -16.96 -26.08
CA HIS D 114 14.93 -16.29 -25.98
C HIS D 114 16.07 -17.28 -25.79
N PRO D 115 16.36 -18.03 -26.83
CA PRO D 115 17.34 -19.12 -26.69
C PRO D 115 18.78 -18.67 -26.40
N GLU D 116 19.18 -17.53 -26.97
CA GLU D 116 20.51 -17.00 -26.72
C GLU D 116 20.70 -16.63 -25.26
N LEU D 117 19.68 -16.01 -24.67
CA LEU D 117 19.73 -15.74 -23.24
C LEU D 117 19.73 -17.05 -22.42
N ALA D 118 18.86 -18.00 -22.76
CA ALA D 118 18.81 -19.30 -22.07
C ALA D 118 20.17 -20.00 -22.07
N ARG D 119 20.89 -19.93 -23.18
CA ARG D 119 22.23 -20.49 -23.24
C ARG D 119 23.26 -19.67 -22.47
N ALA D 120 23.05 -18.34 -22.40
CA ALA D 120 23.90 -17.48 -21.58
C ALA D 120 23.83 -17.87 -20.10
N PHE D 121 22.62 -18.21 -19.64
CA PHE D 121 22.46 -18.75 -18.27
C PHE D 121 23.40 -19.93 -17.95
N VAL D 122 23.42 -20.91 -18.85
CA VAL D 122 24.26 -22.11 -18.74
C VAL D 122 25.76 -21.73 -18.86
N GLU D 123 26.10 -20.87 -19.83
CA GLU D 123 27.45 -20.30 -20.03
C GLU D 123 28.01 -19.65 -18.79
N LEU D 124 27.16 -18.95 -18.06
CA LEU D 124 27.52 -18.26 -16.84
C LEU D 124 27.59 -19.20 -15.65
N GLY D 125 27.20 -20.45 -15.86
CA GLY D 125 27.31 -21.51 -14.86
C GLY D 125 26.12 -21.58 -13.94
N HIS D 126 25.07 -20.80 -14.22
CA HIS D 126 23.87 -20.89 -13.39
C HIS D 126 23.09 -22.19 -13.58
N GLU D 127 22.42 -22.63 -12.52
CA GLU D 127 21.48 -23.73 -12.59
C GLU D 127 20.23 -23.23 -13.32
N ILE D 128 19.62 -24.08 -14.13
CA ILE D 128 18.25 -23.78 -14.55
C ILE D 128 17.33 -24.82 -13.97
N ALA D 129 16.34 -24.40 -13.17
CA ALA D 129 15.27 -25.28 -12.75
C ALA D 129 14.03 -24.97 -13.62
N CYS D 130 13.10 -25.91 -13.66
CA CYS D 130 11.88 -25.79 -14.44
C CYS D 130 10.80 -25.10 -13.62
N HIS D 131 10.32 -23.99 -14.15
CA HIS D 131 9.27 -23.16 -13.58
C HIS D 131 7.95 -23.29 -14.35
N GLY D 132 7.78 -24.41 -15.04
CA GLY D 132 6.58 -24.77 -15.77
C GLY D 132 6.78 -24.48 -17.25
N TRP D 133 5.88 -25.01 -18.08
CA TRP D 133 5.84 -24.64 -19.50
C TRP D 133 5.27 -23.21 -19.66
N ARG D 134 4.29 -22.84 -18.83
CA ARG D 134 3.58 -21.54 -18.98
C ARG D 134 3.69 -20.82 -17.64
N TRP D 135 3.73 -19.49 -17.64
CA TRP D 135 3.63 -18.77 -16.37
C TRP D 135 2.20 -18.33 -16.25
N ILE D 136 1.37 -19.26 -15.75
CA ILE D 136 -0.11 -19.07 -15.65
C ILE D 136 -0.58 -19.68 -14.34
N HIS D 137 -1.76 -19.30 -13.86
CA HIS D 137 -2.24 -19.86 -12.58
C HIS D 137 -2.67 -21.29 -12.84
N TYR D 138 -2.14 -22.25 -12.07
CA TYR D 138 -2.48 -23.66 -12.26
C TYR D 138 -3.51 -24.19 -11.25
N GLN D 139 -4.00 -23.32 -10.33
CA GLN D 139 -4.87 -23.76 -9.26
C GLN D 139 -6.01 -24.65 -9.76
N ASP D 140 -6.67 -24.24 -10.85
CA ASP D 140 -7.89 -24.93 -11.30
C ASP D 140 -7.67 -25.87 -12.49
N MET D 141 -6.43 -26.11 -12.89
CA MET D 141 -6.16 -26.94 -14.08
C MET D 141 -6.24 -28.41 -13.74
N THR D 142 -6.79 -29.22 -14.65
CA THR D 142 -6.92 -30.64 -14.37
C THR D 142 -5.51 -31.22 -14.37
N PRO D 143 -5.29 -32.28 -13.61
CA PRO D 143 -3.96 -32.91 -13.57
C PRO D 143 -3.45 -33.51 -14.92
N GLU D 144 -4.35 -33.95 -15.80
CA GLU D 144 -3.96 -34.39 -17.13
C GLU D 144 -3.31 -33.23 -17.90
N ARG D 145 -3.93 -32.05 -17.88
CA ARG D 145 -3.38 -30.90 -18.64
C ARG D 145 -2.12 -30.41 -17.96
N GLU D 146 -2.12 -30.40 -16.63
CA GLU D 146 -0.97 -29.92 -15.90
C GLU D 146 0.22 -30.86 -16.13
N ALA D 147 -0.04 -32.15 -16.19
CA ALA D 147 1.01 -33.12 -16.50
C ALA D 147 1.56 -32.90 -17.92
N GLU D 148 0.69 -32.58 -18.85
CA GLU D 148 1.14 -32.25 -20.23
C GLU D 148 2.07 -31.04 -20.21
N HIS D 149 1.71 -30.02 -19.43
CA HIS D 149 2.56 -28.82 -19.41
C HIS D 149 3.89 -29.14 -18.77
N MET D 150 3.91 -30.05 -17.81
CA MET D 150 5.13 -30.38 -17.11
C MET D 150 6.09 -30.95 -18.12
N ARG D 151 5.57 -31.86 -18.95
CA ARG D 151 6.31 -32.48 -20.02
C ARG D 151 6.87 -31.47 -21.00
N LEU D 152 6.02 -30.53 -21.41
CA LEU D 152 6.40 -29.55 -22.41
C LEU D 152 7.49 -28.67 -21.81
N GLY D 153 7.38 -28.39 -20.52
CA GLY D 153 8.29 -27.47 -19.85
C GLY D 153 9.70 -28.01 -19.75
N MET D 154 9.80 -29.24 -19.31
CA MET D 154 11.09 -29.89 -19.21
C MET D 154 11.72 -30.11 -20.59
N GLU D 155 10.92 -30.46 -21.58
CA GLU D 155 11.43 -30.73 -22.92
C GLU D 155 11.94 -29.45 -23.58
N ALA D 156 11.23 -28.35 -23.34
CA ALA D 156 11.59 -27.07 -23.89
C ALA D 156 12.94 -26.64 -23.34
N ILE D 157 13.12 -26.77 -22.02
CA ILE D 157 14.32 -26.28 -21.42
C ILE D 157 15.52 -27.10 -21.93
N GLU D 158 15.40 -28.41 -21.89
CA GLU D 158 16.47 -29.31 -22.33
C GLU D 158 16.81 -29.11 -23.81
N ARG D 159 15.79 -28.98 -24.63
CA ARG D 159 16.00 -28.78 -26.08
C ARG D 159 16.82 -27.53 -26.40
N VAL D 160 16.49 -26.43 -25.72
CA VAL D 160 17.16 -25.15 -25.96
C VAL D 160 18.55 -25.05 -25.30
N THR D 161 18.71 -25.59 -24.09
CA THR D 161 19.94 -25.37 -23.34
C THR D 161 20.86 -26.58 -23.24
N GLY D 162 20.35 -27.78 -23.55
CA GLY D 162 21.10 -29.03 -23.34
C GLY D 162 21.14 -29.51 -21.88
N VAL D 163 20.42 -28.81 -21.00
CA VAL D 163 20.47 -29.15 -19.58
C VAL D 163 19.11 -29.66 -19.13
N ARG D 164 19.14 -30.75 -18.36
CA ARG D 164 17.91 -31.26 -17.81
C ARG D 164 17.72 -30.68 -16.42
N PRO D 165 16.67 -29.87 -16.21
CA PRO D 165 16.49 -29.34 -14.87
C PRO D 165 16.38 -30.46 -13.85
N LEU D 166 16.87 -30.19 -12.62
CA LEU D 166 16.72 -31.05 -11.46
C LEU D 166 15.82 -30.52 -10.33
N GLY D 167 15.26 -29.31 -10.50
CA GLY D 167 14.40 -28.69 -9.50
C GLY D 167 13.14 -28.27 -10.20
N TRP D 168 12.04 -28.27 -9.44
CA TRP D 168 10.74 -27.85 -9.93
C TRP D 168 10.17 -26.73 -9.08
N TYR D 169 9.56 -25.73 -9.72
CA TYR D 169 8.78 -24.69 -8.99
C TYR D 169 7.71 -24.09 -9.91
N THR D 170 6.48 -24.42 -9.64
CA THR D 170 5.39 -23.78 -10.39
C THR D 170 5.09 -22.35 -9.91
N GLY D 171 4.88 -22.22 -8.59
CA GLY D 171 4.43 -20.97 -7.93
C GLY D 171 2.96 -21.03 -7.57
N ARG D 172 2.16 -20.58 -8.51
CA ARG D 172 0.74 -20.61 -8.38
C ARG D 172 0.28 -22.00 -8.80
N ASP D 173 0.51 -22.95 -7.89
CA ASP D 173 0.40 -24.38 -8.20
C ASP D 173 -1.03 -24.90 -8.02
N SER D 174 -1.21 -26.21 -8.15
CA SER D 174 -2.50 -26.84 -7.94
C SER D 174 -2.35 -27.83 -6.79
N PRO D 175 -3.48 -28.39 -6.32
CA PRO D 175 -3.46 -29.48 -5.33
C PRO D 175 -2.73 -30.72 -5.80
N ASN D 176 -2.53 -30.81 -7.14
CA ASN D 176 -1.86 -31.96 -7.75
C ASN D 176 -0.37 -31.80 -8.12
N THR D 177 0.17 -30.62 -7.99
CA THR D 177 1.51 -30.40 -8.56
C THR D 177 2.60 -31.24 -7.85
N HIS D 178 2.53 -31.36 -6.52
CA HIS D 178 3.52 -32.18 -5.81
C HIS D 178 3.44 -33.60 -6.31
N ARG D 179 2.20 -34.11 -6.46
CA ARG D 179 2.05 -35.45 -6.97
C ARG D 179 2.65 -35.59 -8.37
N LEU D 180 2.40 -34.61 -9.22
CA LEU D 180 2.85 -34.69 -10.59
C LEU D 180 4.38 -34.62 -10.68
N VAL D 181 5.00 -33.87 -9.81
CA VAL D 181 6.44 -33.86 -9.72
C VAL D 181 7.01 -35.21 -9.30
N ALA D 182 6.37 -35.84 -8.32
CA ALA D 182 6.81 -37.13 -7.82
C ALA D 182 6.65 -38.24 -8.87
N GLU D 183 5.58 -38.13 -9.65
CA GLU D 183 5.22 -39.15 -10.66
C GLU D 183 6.10 -39.04 -11.89
N TYR D 184 6.44 -37.80 -12.24
CA TYR D 184 7.38 -37.52 -13.30
C TYR D 184 8.75 -38.03 -12.87
N GLY D 185 9.15 -37.68 -11.64
CA GLY D 185 10.35 -38.30 -11.05
C GLY D 185 11.61 -37.62 -11.53
N GLY D 186 12.74 -37.93 -10.90
CA GLY D 186 14.02 -37.38 -11.33
C GLY D 186 14.32 -35.97 -10.88
N PHE D 187 13.42 -35.38 -10.11
CA PHE D 187 13.67 -34.09 -9.42
C PHE D 187 14.36 -34.21 -8.06
N LEU D 188 15.53 -33.60 -7.97
CA LEU D 188 16.23 -33.58 -6.71
C LEU D 188 15.57 -32.70 -5.69
N TYR D 189 14.78 -31.71 -6.14
CA TYR D 189 13.99 -30.90 -5.24
C TYR D 189 12.73 -30.27 -5.84
N ASP D 190 11.83 -29.93 -4.96
CA ASP D 190 10.58 -29.27 -5.31
C ASP D 190 10.54 -28.05 -4.40
N SER D 191 10.33 -26.86 -4.96
CA SER D 191 10.34 -25.62 -4.14
C SER D 191 8.98 -24.94 -3.91
N ASP D 192 7.90 -25.68 -4.18
CA ASP D 192 6.56 -25.15 -4.03
C ASP D 192 6.18 -25.29 -2.57
N HIS D 193 6.85 -24.53 -1.73
CA HIS D 193 6.65 -24.63 -0.30
C HIS D 193 7.24 -23.40 0.35
N TYR D 194 6.52 -22.81 1.31
CA TYR D 194 6.94 -21.60 2.06
C TYR D 194 6.99 -21.91 3.55
N GLY D 195 7.18 -23.17 3.91
CA GLY D 195 6.86 -23.65 5.25
C GLY D 195 8.05 -23.80 6.19
N ASP D 196 9.27 -23.50 5.75
CA ASP D 196 10.42 -23.64 6.67
C ASP D 196 11.65 -22.80 6.22
N ASP D 197 12.68 -22.88 7.05
CA ASP D 197 13.92 -22.19 6.84
C ASP D 197 15.00 -23.19 6.49
N LEU D 198 14.62 -24.45 6.25
CA LEU D 198 15.60 -25.50 5.88
C LEU D 198 14.89 -26.46 4.94
N PRO D 199 15.64 -27.15 4.06
CA PRO D 199 15.03 -28.22 3.34
C PRO D 199 14.52 -29.27 4.31
N PHE D 200 13.58 -30.09 3.85
CA PHE D 200 13.07 -31.27 4.54
C PHE D 200 12.41 -32.19 3.52
N TRP D 201 12.09 -33.41 3.94
CA TRP D 201 11.47 -34.40 3.06
C TRP D 201 9.97 -34.43 3.28
N MET D 202 9.25 -34.47 2.17
CA MET D 202 7.80 -34.65 2.17
C MET D 202 7.40 -36.03 1.64
N ASP D 203 6.40 -36.65 2.28
CA ASP D 203 5.84 -37.91 1.75
C ASP D 203 4.70 -37.54 0.82
N VAL D 204 4.89 -37.76 -0.49
CA VAL D 204 3.94 -37.29 -1.50
C VAL D 204 3.10 -38.49 -1.96
N GLU D 205 1.79 -38.42 -1.71
CA GLU D 205 0.90 -39.47 -2.16
C GLU D 205 0.80 -39.47 -3.69
N VAL D 206 0.97 -40.64 -4.30
CA VAL D 206 0.89 -40.71 -5.74
C VAL D 206 -0.34 -41.49 -6.13
N SER D 207 -0.61 -41.57 -7.43
CA SER D 207 -1.74 -42.34 -7.95
C SER D 207 -1.67 -43.71 -7.33
N GLY D 208 -2.79 -44.19 -6.81
CA GLY D 208 -2.81 -45.46 -6.08
C GLY D 208 -2.91 -45.26 -4.58
N GLY D 209 -2.62 -44.04 -4.11
CA GLY D 209 -2.65 -43.74 -2.70
C GLY D 209 -1.38 -43.93 -1.87
N ALA D 210 -0.40 -44.67 -2.39
CA ALA D 210 0.88 -44.86 -1.68
C ALA D 210 1.73 -43.58 -1.81
N SER D 211 2.80 -43.51 -1.04
CA SER D 211 3.61 -42.30 -0.99
C SER D 211 5.06 -42.53 -1.37
N VAL D 212 5.65 -41.42 -1.77
CA VAL D 212 7.00 -41.41 -2.26
C VAL D 212 7.67 -40.20 -1.65
N PRO D 213 8.91 -40.36 -1.15
CA PRO D 213 9.64 -39.21 -0.65
C PRO D 213 10.03 -38.19 -1.74
N GLN D 214 9.82 -36.90 -1.42
CA GLN D 214 10.25 -35.81 -2.30
CA GLN D 214 10.17 -35.77 -2.29
C GLN D 214 10.99 -34.79 -1.43
N LEU D 215 12.20 -34.39 -1.86
CA LEU D 215 12.90 -33.32 -1.11
C LEU D 215 12.27 -31.96 -1.46
N ILE D 216 11.91 -31.21 -0.40
CA ILE D 216 11.48 -29.82 -0.49
C ILE D 216 12.63 -28.90 -0.13
N VAL D 217 12.81 -27.88 -0.98
CA VAL D 217 13.77 -26.83 -0.69
C VAL D 217 12.87 -25.59 -0.69
N PRO D 218 12.49 -25.10 0.51
CA PRO D 218 11.44 -24.08 0.59
C PRO D 218 11.87 -22.75 -0.06
N TYR D 219 10.93 -22.02 -0.66
CA TYR D 219 11.23 -20.76 -1.33
C TYR D 219 10.66 -19.67 -0.46
N THR D 220 10.42 -18.48 -1.02
CA THR D 220 9.91 -17.37 -0.27
C THR D 220 9.00 -16.48 -1.14
N LEU D 221 7.97 -15.93 -0.48
CA LEU D 221 7.06 -14.93 -1.01
C LEU D 221 7.23 -13.55 -0.29
N ASP D 222 8.04 -13.49 0.77
CA ASP D 222 8.33 -12.22 1.51
C ASP D 222 9.74 -11.63 1.16
N ALA D 223 10.77 -12.46 1.03
CA ALA D 223 12.10 -11.99 0.60
C ALA D 223 12.17 -12.07 -0.94
N ASN D 224 11.26 -11.32 -1.59
CA ASN D 224 10.96 -11.55 -3.01
C ASN D 224 10.59 -10.20 -3.62
N ASP D 225 11.29 -9.83 -4.70
CA ASP D 225 10.96 -8.57 -5.36
C ASP D 225 9.52 -8.52 -5.92
N MET D 226 8.82 -9.67 -6.02
CA MET D 226 7.38 -9.64 -6.43
C MET D 226 6.59 -8.65 -5.56
N ARG D 227 7.07 -8.39 -4.35
CA ARG D 227 6.36 -7.45 -3.42
C ARG D 227 6.41 -5.98 -3.84
N PHE D 228 7.25 -5.66 -4.84
CA PHE D 228 7.09 -4.38 -5.56
C PHE D 228 5.82 -4.27 -6.41
N ALA D 229 5.17 -5.40 -6.66
CA ALA D 229 4.05 -5.38 -7.56
C ALA D 229 2.81 -5.90 -6.86
N THR D 230 2.80 -5.90 -5.51
CA THR D 230 1.65 -6.42 -4.72
C THR D 230 1.17 -5.22 -3.91
N PRO D 231 -0.04 -5.30 -3.30
CA PRO D 231 -0.58 -4.13 -2.58
C PRO D 231 0.25 -3.74 -1.36
N GLN D 232 0.70 -4.74 -0.59
CA GLN D 232 1.68 -4.59 0.54
C GLN D 232 3.04 -4.95 0.00
N GLY D 233 3.92 -3.95 0.00
CA GLY D 233 4.92 -3.81 -1.09
C GLY D 233 5.95 -2.68 -1.05
N PHE D 234 7.21 -3.05 -0.79
CA PHE D 234 8.38 -2.17 -0.80
C PHE D 234 8.24 -0.96 -1.74
N ASN D 235 8.48 0.25 -1.28
CA ASN D 235 8.27 1.46 -2.06
C ASN D 235 9.55 1.84 -2.81
N THR D 236 10.68 1.43 -2.27
CA THR D 236 12.00 1.87 -2.75
C THR D 236 13.01 0.73 -2.65
N ALA D 237 14.14 0.91 -3.30
CA ALA D 237 15.21 -0.11 -3.25
C ALA D 237 15.61 -0.37 -1.80
N ASP D 238 15.64 0.69 -0.98
CA ASP D 238 16.05 0.54 0.40
C ASP D 238 15.08 -0.28 1.27
N HIS D 239 13.80 -0.25 0.97
CA HIS D 239 12.91 -1.15 1.64
C HIS D 239 13.28 -2.63 1.37
N PHE D 240 13.47 -3.01 0.14
CA PHE D 240 13.73 -4.42 -0.22
C PHE D 240 15.09 -4.78 0.34
N PHE D 241 16.04 -3.87 0.21
CA PHE D 241 17.35 -4.09 0.79
C PHE D 241 17.31 -4.30 2.31
N HIS D 242 16.68 -3.39 3.05
CA HIS D 242 16.54 -3.56 4.49
C HIS D 242 15.82 -4.86 4.90
N TYR D 243 14.81 -5.28 4.12
CA TYR D 243 14.12 -6.55 4.41
C TYR D 243 15.05 -7.73 4.27
N LEU D 244 15.76 -7.80 3.15
CA LEU D 244 16.81 -8.83 2.94
C LEU D 244 17.93 -8.82 3.96
N ARG D 245 18.43 -7.61 4.22
CA ARG D 245 19.44 -7.39 5.26
C ARG D 245 18.98 -7.90 6.61
N ASP D 246 17.75 -7.61 6.97
CA ASP D 246 17.29 -7.96 8.29
C ASP D 246 17.09 -9.46 8.37
N ALA D 247 16.48 -10.05 7.36
CA ALA D 247 16.31 -11.49 7.27
C ALA D 247 17.66 -12.21 7.41
N PHE D 248 18.63 -11.69 6.67
CA PHE D 248 19.97 -12.30 6.68
C PHE D 248 20.58 -12.18 8.06
N ASP D 249 20.45 -11.02 8.68
CA ASP D 249 21.04 -10.79 10.00
C ASP D 249 20.47 -11.74 11.08
N VAL D 250 19.14 -11.93 11.06
CA VAL D 250 18.45 -12.83 11.99
C VAL D 250 18.96 -14.28 11.80
N LEU D 251 18.98 -14.72 10.55
CA LEU D 251 19.45 -16.07 10.23
C LEU D 251 20.92 -16.24 10.56
N TYR D 252 21.73 -15.24 10.21
CA TYR D 252 23.16 -15.30 10.45
C TYR D 252 23.43 -15.43 11.94
N GLU D 253 22.68 -14.70 12.77
CA GLU D 253 22.83 -14.80 14.22
C GLU D 253 22.38 -16.16 14.78
N GLU D 254 21.34 -16.74 14.17
CA GLU D 254 20.93 -18.12 14.47
C GLU D 254 21.92 -19.17 14.05
N GLY D 255 22.76 -18.84 13.08
CA GLY D 255 23.75 -19.76 12.49
C GLY D 255 24.80 -20.31 13.44
N ASP D 256 25.00 -19.65 14.59
CA ASP D 256 25.85 -20.20 15.67
C ASP D 256 25.23 -21.45 16.31
N GLU D 257 23.90 -21.50 16.40
CA GLU D 257 23.20 -22.61 17.04
C GLU D 257 22.69 -23.66 16.06
N ALA D 258 22.12 -23.16 14.96
CA ALA D 258 21.35 -23.97 14.02
C ALA D 258 21.29 -23.23 12.69
N PRO D 259 22.32 -23.36 11.86
CA PRO D 259 22.31 -22.66 10.54
C PRO D 259 21.10 -23.05 9.67
N LYS D 260 20.61 -22.06 8.94
CA LYS D 260 19.39 -22.14 8.10
C LYS D 260 19.77 -21.75 6.69
N MET D 261 18.77 -21.71 5.82
CA MET D 261 18.98 -21.14 4.49
C MET D 261 18.07 -19.92 4.30
N MET D 262 18.45 -19.10 3.34
CA MET D 262 17.64 -17.98 2.91
C MET D 262 17.50 -17.97 1.40
N SER D 263 16.28 -17.85 0.92
CA SER D 263 16.00 -17.59 -0.52
C SER D 263 15.81 -16.13 -0.81
N ILE D 264 16.23 -15.71 -2.00
CA ILE D 264 15.91 -14.39 -2.51
C ILE D 264 15.30 -14.54 -3.87
N GLY D 265 14.04 -14.09 -4.02
CA GLY D 265 13.27 -14.22 -5.23
C GLY D 265 13.48 -12.95 -6.08
N MET D 266 13.83 -13.10 -7.35
CA MET D 266 14.12 -11.95 -8.27
C MET D 266 13.40 -12.12 -9.59
N HIS D 267 12.95 -11.03 -10.15
CA HIS D 267 12.23 -11.02 -11.40
C HIS D 267 12.85 -9.96 -12.32
N CYS D 268 13.13 -10.35 -13.56
CA CYS D 268 13.83 -9.51 -14.52
C CYS D 268 13.14 -8.16 -14.75
N ARG D 269 11.83 -8.25 -14.87
CA ARG D 269 11.01 -7.07 -15.14
C ARG D 269 10.76 -6.17 -13.91
N LEU D 270 11.12 -6.64 -12.72
CA LEU D 270 10.97 -5.91 -11.53
C LEU D 270 12.32 -5.44 -11.01
N LEU D 271 13.08 -6.33 -10.34
CA LEU D 271 14.40 -5.90 -9.78
C LEU D 271 15.35 -5.37 -10.85
N GLY D 272 15.18 -5.83 -12.08
CA GLY D 272 15.93 -5.30 -13.22
C GLY D 272 15.77 -3.81 -13.56
N ARG D 273 14.64 -3.21 -13.19
CA ARG D 273 14.47 -1.76 -13.21
C ARG D 273 15.55 -1.08 -12.41
N PRO D 274 16.15 -0.04 -12.99
CA PRO D 274 17.28 0.64 -12.35
C PRO D 274 16.96 1.14 -10.97
N GLY D 275 15.76 1.71 -10.79
CA GLY D 275 15.38 2.20 -9.45
C GLY D 275 15.25 1.13 -8.37
N ARG D 276 14.96 -0.10 -8.74
CA ARG D 276 14.93 -1.21 -7.76
C ARG D 276 16.24 -1.96 -7.61
N PHE D 277 17.05 -1.93 -8.66
CA PHE D 277 18.21 -2.75 -8.78
C PHE D 277 19.22 -2.46 -7.67
N ARG D 278 19.24 -1.22 -7.16
CA ARG D 278 20.17 -0.82 -6.09
C ARG D 278 20.04 -1.74 -4.87
N ALA D 279 18.84 -2.29 -4.66
CA ALA D 279 18.56 -3.24 -3.55
C ALA D 279 19.44 -4.48 -3.57
N LEU D 280 19.65 -4.99 -4.80
CA LEU D 280 20.48 -6.18 -4.98
C LEU D 280 21.94 -5.87 -4.68
N GLN D 281 22.41 -4.77 -5.27
CA GLN D 281 23.77 -4.29 -5.06
C GLN D 281 24.08 -4.06 -3.58
N ARG D 282 23.15 -3.40 -2.87
CA ARG D 282 23.32 -3.13 -1.43
C ARG D 282 23.34 -4.46 -0.62
N PHE D 283 22.47 -5.39 -1.00
CA PHE D 283 22.39 -6.65 -0.27
C PHE D 283 23.64 -7.50 -0.48
N LEU D 284 24.11 -7.57 -1.72
CA LEU D 284 25.32 -8.30 -2.00
C LEU D 284 26.49 -7.72 -1.25
N ASP D 285 26.58 -6.39 -1.21
CA ASP D 285 27.65 -5.73 -0.43
C ASP D 285 27.57 -6.10 1.05
N HIS D 286 26.37 -6.15 1.60
CA HIS D 286 26.15 -6.59 2.98
C HIS D 286 26.65 -8.00 3.25
N ILE D 287 26.28 -8.96 2.42
CA ILE D 287 26.60 -10.37 2.77
C ILE D 287 28.10 -10.64 2.51
N GLU D 288 28.70 -9.85 1.62
CA GLU D 288 30.14 -9.94 1.31
C GLU D 288 31.04 -9.57 2.49
N ARG D 289 30.51 -8.76 3.42
CA ARG D 289 31.18 -8.39 4.67
C ARG D 289 31.16 -9.49 5.73
N HIS D 290 30.41 -10.57 5.50
CA HIS D 290 30.23 -11.61 6.50
C HIS D 290 30.98 -12.89 6.13
N ASP D 291 31.71 -13.43 7.11
CA ASP D 291 32.34 -14.75 7.00
C ASP D 291 31.28 -15.85 7.00
N ARG D 292 31.63 -17.03 6.49
CA ARG D 292 30.84 -18.22 6.67
C ARG D 292 29.44 -18.01 6.08
N VAL D 293 29.40 -17.47 4.86
CA VAL D 293 28.21 -17.46 4.06
C VAL D 293 28.45 -18.33 2.86
N TRP D 294 27.58 -19.32 2.68
CA TRP D 294 27.53 -20.08 1.44
C TRP D 294 26.50 -19.54 0.49
N VAL D 295 26.98 -18.99 -0.60
CA VAL D 295 26.12 -18.60 -1.66
C VAL D 295 26.11 -19.74 -2.67
N ALA D 296 24.96 -20.41 -2.73
CA ALA D 296 24.79 -21.69 -3.45
C ALA D 296 23.71 -21.65 -4.54
N ARG D 297 23.91 -22.52 -5.54
CA ARG D 297 22.86 -22.87 -6.48
CA ARG D 297 22.84 -22.88 -6.47
C ARG D 297 21.84 -23.69 -5.67
N ARG D 298 20.56 -23.62 -6.00
CA ARG D 298 19.57 -24.38 -5.25
C ARG D 298 19.86 -25.89 -5.32
N VAL D 299 20.31 -26.36 -6.47
CA VAL D 299 20.56 -27.78 -6.66
C VAL D 299 21.71 -28.19 -5.70
N GLU D 300 22.66 -27.27 -5.46
CA GLU D 300 23.76 -27.62 -4.52
C GLU D 300 23.23 -27.80 -3.09
N ILE D 301 22.25 -26.99 -2.70
CA ILE D 301 21.63 -27.20 -1.35
C ILE D 301 20.85 -28.52 -1.33
N ALA D 302 20.19 -28.84 -2.42
CA ALA D 302 19.44 -30.14 -2.45
C ALA D 302 20.42 -31.36 -2.36
N ARG D 303 21.50 -31.31 -3.13
CA ARG D 303 22.45 -32.36 -3.09
C ARG D 303 23.07 -32.45 -1.69
N HIS D 304 23.41 -31.31 -1.09
CA HIS D 304 23.98 -31.31 0.25
C HIS D 304 23.03 -32.01 1.24
N TRP D 305 21.77 -31.61 1.23
CA TRP D 305 20.75 -32.23 2.09
C TRP D 305 20.65 -33.72 1.88
N ARG D 306 20.57 -34.15 0.64
CA ARG D 306 20.40 -35.58 0.34
C ARG D 306 21.60 -36.40 0.85
N GLU D 307 22.81 -35.83 0.74
CA GLU D 307 23.99 -36.51 1.21
C GLU D 307 24.02 -36.51 2.75
N HIS D 308 23.76 -35.38 3.38
CA HIS D 308 23.91 -35.24 4.86
C HIS D 308 22.67 -35.54 5.75
N HIS D 309 21.50 -35.47 5.14
CA HIS D 309 20.19 -35.64 5.81
C HIS D 309 19.29 -36.46 4.93
N PRO D 310 19.70 -37.71 4.68
CA PRO D 310 18.89 -38.60 3.90
C PRO D 310 17.56 -38.91 4.55
N TYR D 311 16.63 -39.30 3.69
CA TYR D 311 15.30 -39.64 4.11
C TYR D 311 15.37 -40.71 5.22
#